data_2KGU
#
_entry.id   2KGU
#
_entity_poly.entity_id   1
_entity_poly.type   'polypeptide(L)'
_entity_poly.pdbx_seq_one_letter_code
;GYCAEKGIRCDDIHCCTGLKCKCNASGYNCVCRKK
;
_entity_poly.pdbx_strand_id   A
#
# COMPACT_ATOMS: atom_id res chain seq x y z
N GLY A 1 -7.99 -10.59 -9.22
CA GLY A 1 -7.15 -10.41 -8.06
C GLY A 1 -7.39 -9.08 -7.36
N TYR A 2 -8.08 -9.12 -6.23
CA TYR A 2 -8.38 -7.91 -5.48
C TYR A 2 -7.19 -7.48 -4.64
N CYS A 3 -6.44 -6.51 -5.15
CA CYS A 3 -5.26 -5.99 -4.46
C CYS A 3 -5.31 -4.47 -4.36
N ALA A 4 -4.48 -3.92 -3.47
CA ALA A 4 -4.42 -2.47 -3.28
C ALA A 4 -3.80 -1.78 -4.49
N GLU A 5 -4.61 -1.00 -5.20
CA GLU A 5 -4.14 -0.29 -6.38
C GLU A 5 -3.19 0.83 -5.99
N LYS A 6 -2.87 1.69 -6.96
CA LYS A 6 -1.97 2.82 -6.71
C LYS A 6 -2.51 3.72 -5.62
N GLY A 7 -1.90 3.64 -4.43
CA GLY A 7 -2.33 4.46 -3.32
C GLY A 7 -3.63 3.97 -2.71
N ILE A 8 -3.62 2.74 -2.18
CA ILE A 8 -4.80 2.16 -1.56
C ILE A 8 -4.46 1.52 -0.22
N ARG A 9 -5.43 1.53 0.69
CA ARG A 9 -5.23 0.96 2.02
C ARG A 9 -4.66 -0.45 1.92
N CYS A 10 -3.41 -0.60 2.36
CA CYS A 10 -2.74 -1.90 2.31
C CYS A 10 -2.46 -2.42 3.72
N ASP A 11 -3.16 -1.83 4.70
CA ASP A 11 -2.99 -2.24 6.09
C ASP A 11 -3.14 -3.74 6.25
N ASP A 12 -4.18 -4.29 5.61
CA ASP A 12 -4.44 -5.73 5.68
C ASP A 12 -4.17 -6.39 4.34
N ILE A 13 -4.42 -5.65 3.26
CA ILE A 13 -4.22 -6.17 1.91
C ILE A 13 -2.85 -5.73 1.37
N HIS A 14 -2.32 -6.52 0.43
CA HIS A 14 -1.03 -6.21 -0.18
C HIS A 14 -1.20 -5.34 -1.41
N CYS A 15 -0.13 -4.68 -1.82
CA CYS A 15 -0.16 -3.81 -2.99
C CYS A 15 -0.05 -4.62 -4.27
N CYS A 16 -0.70 -4.15 -5.33
CA CYS A 16 -0.68 -4.84 -6.61
C CYS A 16 0.74 -4.90 -7.17
N THR A 17 1.00 -5.89 -8.02
CA THR A 17 2.31 -6.06 -8.63
C THR A 17 2.81 -4.76 -9.25
N GLY A 18 3.72 -4.08 -8.57
CA GLY A 18 4.25 -2.84 -9.08
C GLY A 18 4.23 -1.73 -8.04
N LEU A 19 3.43 -1.93 -6.99
CA LEU A 19 3.32 -0.93 -5.92
C LEU A 19 3.83 -1.49 -4.60
N LYS A 20 4.23 -0.60 -3.70
CA LYS A 20 4.74 -1.00 -2.40
C LYS A 20 3.96 -0.32 -1.28
N CYS A 21 3.74 -1.05 -0.19
CA CYS A 21 3.01 -0.51 0.95
C CYS A 21 3.87 0.48 1.73
N LYS A 22 3.72 1.76 1.41
CA LYS A 22 4.48 2.80 2.08
C LYS A 22 3.72 3.35 3.29
N CYS A 23 4.19 3.02 4.49
CA CYS A 23 3.55 3.48 5.72
C CYS A 23 4.57 4.07 6.67
N ASN A 24 4.17 5.11 7.39
CA ASN A 24 5.05 5.78 8.34
C ASN A 24 5.32 4.89 9.54
N ALA A 25 6.22 5.32 10.41
CA ALA A 25 6.58 4.56 11.61
C ALA A 25 5.54 4.76 12.70
N SER A 26 4.83 5.88 12.65
CA SER A 26 3.81 6.18 13.64
C SER A 26 2.60 5.26 13.50
N GLY A 27 2.42 4.74 12.29
CA GLY A 27 1.30 3.85 12.03
C GLY A 27 0.24 4.48 11.16
N TYR A 28 0.62 5.49 10.39
CA TYR A 28 -0.31 6.19 9.52
C TYR A 28 0.28 6.35 8.12
N ASN A 29 -0.45 7.06 7.26
CA ASN A 29 0.00 7.30 5.89
C ASN A 29 0.37 5.98 5.20
N CYS A 30 -0.29 4.90 5.62
CA CYS A 30 -0.03 3.58 5.04
C CYS A 30 -0.76 3.42 3.71
N VAL A 31 -0.11 3.86 2.64
CA VAL A 31 -0.70 3.77 1.30
C VAL A 31 0.29 3.16 0.31
N CYS A 32 -0.23 2.65 -0.80
CA CYS A 32 0.62 2.04 -1.83
C CYS A 32 1.26 3.11 -2.70
N ARG A 33 2.48 2.83 -3.16
CA ARG A 33 3.21 3.76 -4.00
C ARG A 33 4.03 3.02 -5.06
N LYS A 34 4.23 3.67 -6.20
CA LYS A 34 5.00 3.07 -7.29
C LYS A 34 6.49 3.21 -7.03
N LYS A 35 6.95 2.72 -5.90
CA LYS A 35 8.36 2.79 -5.54
C LYS A 35 9.18 1.79 -6.35
N GLY A 1 -6.55 -11.58 -7.69
CA GLY A 1 -6.84 -10.49 -8.61
C GLY A 1 -7.14 -9.19 -7.89
N TYR A 2 -7.79 -9.28 -6.75
CA TYR A 2 -8.13 -8.10 -5.96
C TYR A 2 -6.94 -7.62 -5.15
N CYS A 3 -6.25 -6.60 -5.67
CA CYS A 3 -5.09 -6.04 -4.98
C CYS A 3 -5.21 -4.53 -4.86
N ALA A 4 -4.47 -3.96 -3.90
CA ALA A 4 -4.49 -2.52 -3.68
C ALA A 4 -3.83 -1.77 -4.84
N GLU A 5 -4.60 -0.93 -5.51
CA GLU A 5 -4.10 -0.15 -6.63
C GLU A 5 -3.11 0.91 -6.16
N LYS A 6 -2.75 1.82 -7.05
CA LYS A 6 -1.81 2.89 -6.73
C LYS A 6 -2.37 3.79 -5.64
N GLY A 7 -1.81 3.70 -4.44
CA GLY A 7 -2.28 4.52 -3.34
C GLY A 7 -3.58 4.01 -2.76
N ILE A 8 -3.57 2.80 -2.23
CA ILE A 8 -4.77 2.21 -1.64
C ILE A 8 -4.46 1.59 -0.28
N ARG A 9 -5.45 1.61 0.60
CA ARG A 9 -5.30 1.05 1.95
C ARG A 9 -4.71 -0.36 1.88
N CYS A 10 -3.47 -0.49 2.34
CA CYS A 10 -2.78 -1.78 2.34
C CYS A 10 -2.67 -2.34 3.75
N ASP A 11 -3.43 -1.75 4.68
CA ASP A 11 -3.40 -2.19 6.08
C ASP A 11 -3.75 -3.67 6.18
N ASP A 12 -4.63 -4.14 5.30
CA ASP A 12 -5.04 -5.54 5.30
C ASP A 12 -4.51 -6.25 4.07
N ILE A 13 -4.92 -5.80 2.89
CA ILE A 13 -4.48 -6.39 1.64
C ILE A 13 -3.17 -5.78 1.17
N HIS A 14 -2.46 -6.50 0.31
CA HIS A 14 -1.18 -6.03 -0.22
C HIS A 14 -1.39 -5.24 -1.50
N CYS A 15 -0.34 -4.56 -1.96
CA CYS A 15 -0.41 -3.76 -3.17
C CYS A 15 -0.28 -4.65 -4.42
N CYS A 16 -0.76 -4.15 -5.54
CA CYS A 16 -0.70 -4.89 -6.80
C CYS A 16 0.75 -5.06 -7.25
N THR A 17 0.96 -5.96 -8.22
CA THR A 17 2.28 -6.22 -8.73
C THR A 17 2.91 -4.97 -9.33
N GLY A 18 3.74 -4.29 -8.54
CA GLY A 18 4.38 -3.08 -9.01
C GLY A 18 4.33 -1.97 -7.98
N LEU A 19 3.43 -2.09 -7.02
CA LEU A 19 3.29 -1.09 -5.97
C LEU A 19 3.76 -1.63 -4.62
N LYS A 20 4.24 -0.74 -3.77
CA LYS A 20 4.72 -1.12 -2.44
C LYS A 20 3.92 -0.42 -1.35
N CYS A 21 3.65 -1.13 -0.26
CA CYS A 21 2.90 -0.59 0.85
C CYS A 21 3.78 0.35 1.68
N LYS A 22 3.70 1.64 1.38
CA LYS A 22 4.48 2.65 2.10
C LYS A 22 3.70 3.19 3.29
N CYS A 23 4.20 2.91 4.49
CA CYS A 23 3.55 3.36 5.71
C CYS A 23 4.58 3.99 6.67
N ASN A 24 4.14 5.01 7.40
CA ASN A 24 5.02 5.69 8.35
C ASN A 24 5.32 4.79 9.54
N ALA A 25 6.22 5.26 10.41
CA ALA A 25 6.60 4.50 11.59
C ALA A 25 5.56 4.65 12.70
N SER A 26 4.83 5.77 12.67
CA SER A 26 3.81 6.04 13.67
C SER A 26 2.62 5.09 13.50
N GLY A 27 2.43 4.60 12.29
CA GLY A 27 1.34 3.69 12.02
C GLY A 27 0.24 4.33 11.18
N TYR A 28 0.61 5.33 10.40
CA TYR A 28 -0.33 6.02 9.54
C TYR A 28 0.24 6.23 8.13
N ASN A 29 -0.51 6.93 7.29
CA ASN A 29 -0.08 7.19 5.93
C ASN A 29 0.32 5.90 5.22
N CYS A 30 -0.31 4.80 5.61
CA CYS A 30 -0.03 3.51 5.02
C CYS A 30 -0.74 3.34 3.67
N VAL A 31 -0.11 3.84 2.61
CA VAL A 31 -0.68 3.75 1.28
C VAL A 31 0.31 3.13 0.29
N CYS A 32 -0.21 2.63 -0.82
CA CYS A 32 0.62 2.01 -1.83
C CYS A 32 1.29 3.06 -2.72
N ARG A 33 2.48 2.75 -3.22
CA ARG A 33 3.21 3.67 -4.07
C ARG A 33 4.04 2.91 -5.11
N LYS A 34 4.24 3.54 -6.27
CA LYS A 34 5.00 2.93 -7.35
C LYS A 34 6.50 3.06 -7.09
N LYS A 35 6.95 2.54 -5.96
CA LYS A 35 8.36 2.60 -5.61
C LYS A 35 9.21 1.82 -6.60
N GLY A 1 -6.41 -10.76 -9.58
CA GLY A 1 -7.25 -10.81 -8.39
C GLY A 1 -7.45 -9.45 -7.76
N TYR A 2 -8.17 -9.42 -6.65
CA TYR A 2 -8.45 -8.18 -5.95
C TYR A 2 -7.26 -7.76 -5.08
N CYS A 3 -6.52 -6.76 -5.56
CA CYS A 3 -5.35 -6.26 -4.83
C CYS A 3 -5.42 -4.75 -4.67
N ALA A 4 -4.61 -4.23 -3.76
CA ALA A 4 -4.57 -2.79 -3.50
C ALA A 4 -3.95 -2.03 -4.68
N GLU A 5 -4.78 -1.25 -5.37
CA GLU A 5 -4.32 -0.47 -6.52
C GLU A 5 -3.37 0.65 -6.07
N LYS A 6 -3.11 1.58 -6.99
CA LYS A 6 -2.22 2.70 -6.69
C LYS A 6 -2.76 3.52 -5.51
N GLY A 7 -1.94 3.67 -4.49
CA GLY A 7 -2.35 4.44 -3.32
C GLY A 7 -3.62 3.91 -2.69
N ILE A 8 -3.55 2.69 -2.16
CA ILE A 8 -4.71 2.07 -1.52
C ILE A 8 -4.33 1.44 -0.19
N ARG A 9 -5.30 1.40 0.73
CA ARG A 9 -5.06 0.82 2.05
C ARG A 9 -4.44 -0.57 1.94
N CYS A 10 -3.19 -0.68 2.38
CA CYS A 10 -2.47 -1.95 2.33
C CYS A 10 -2.29 -2.53 3.73
N ASP A 11 -3.07 -2.02 4.68
CA ASP A 11 -3.00 -2.49 6.06
C ASP A 11 -3.14 -4.01 6.13
N ASP A 12 -4.12 -4.54 5.41
CA ASP A 12 -4.38 -5.98 5.39
C ASP A 12 -4.01 -6.56 4.03
N ILE A 13 -4.54 -5.95 2.97
CA ILE A 13 -4.28 -6.42 1.62
C ILE A 13 -2.95 -5.88 1.09
N HIS A 14 -2.35 -6.62 0.16
CA HIS A 14 -1.07 -6.22 -0.42
C HIS A 14 -1.29 -5.39 -1.69
N CYS A 15 -0.27 -4.61 -2.06
CA CYS A 15 -0.34 -3.78 -3.25
C CYS A 15 -0.08 -4.59 -4.51
N CYS A 16 -0.76 -4.25 -5.59
CA CYS A 16 -0.60 -4.95 -6.86
C CYS A 16 0.85 -4.88 -7.34
N THR A 17 1.23 -5.81 -8.20
CA THR A 17 2.58 -5.85 -8.74
C THR A 17 2.98 -4.50 -9.32
N GLY A 18 3.97 -3.86 -8.69
CA GLY A 18 4.43 -2.56 -9.15
C GLY A 18 4.39 -1.51 -8.06
N LEU A 19 3.55 -1.73 -7.06
CA LEU A 19 3.43 -0.79 -5.95
C LEU A 19 4.04 -1.36 -4.68
N LYS A 20 4.10 -0.54 -3.63
CA LYS A 20 4.66 -0.97 -2.36
C LYS A 20 3.92 -0.31 -1.19
N CYS A 21 3.75 -1.06 -0.11
CA CYS A 21 3.06 -0.56 1.07
C CYS A 21 3.89 0.52 1.77
N LYS A 22 3.68 1.77 1.37
CA LYS A 22 4.41 2.89 1.96
C LYS A 22 3.68 3.45 3.17
N CYS A 23 4.11 3.05 4.36
CA CYS A 23 3.48 3.51 5.59
C CYS A 23 4.53 4.13 6.52
N ASN A 24 4.11 5.15 7.26
CA ASN A 24 5.00 5.84 8.19
C ASN A 24 5.33 4.94 9.38
N ALA A 25 6.23 5.41 10.25
CA ALA A 25 6.62 4.66 11.42
C ALA A 25 5.60 4.82 12.55
N SER A 26 4.85 5.91 12.49
CA SER A 26 3.84 6.19 13.51
C SER A 26 2.67 5.21 13.39
N GLY A 27 2.45 4.70 12.18
CA GLY A 27 1.37 3.77 11.95
C GLY A 27 0.28 4.35 11.09
N TYR A 28 0.60 5.40 10.35
CA TYR A 28 -0.37 6.06 9.49
C TYR A 28 0.21 6.29 8.09
N ASN A 29 -0.56 6.96 7.24
CA ASN A 29 -0.12 7.24 5.88
C ASN A 29 0.26 5.96 5.15
N CYS A 30 -0.34 4.85 5.57
CA CYS A 30 -0.07 3.55 4.96
C CYS A 30 -0.78 3.43 3.61
N VAL A 31 -0.14 3.89 2.55
CA VAL A 31 -0.71 3.83 1.22
C VAL A 31 0.27 3.20 0.23
N CYS A 32 -0.25 2.73 -0.90
CA CYS A 32 0.57 2.11 -1.93
C CYS A 32 1.27 3.17 -2.77
N ARG A 33 2.54 2.94 -3.08
CA ARG A 33 3.32 3.88 -3.88
C ARG A 33 4.21 3.13 -4.87
N LYS A 34 4.63 3.83 -5.92
CA LYS A 34 5.50 3.24 -6.94
C LYS A 34 6.94 3.21 -6.47
N LYS A 35 7.18 2.57 -5.33
CA LYS A 35 8.52 2.47 -4.78
C LYS A 35 8.97 1.01 -4.70
N GLY A 1 -5.41 -10.73 -9.52
CA GLY A 1 -6.73 -10.61 -8.95
C GLY A 1 -6.97 -9.25 -8.31
N TYR A 2 -7.86 -9.21 -7.32
CA TYR A 2 -8.17 -7.98 -6.63
C TYR A 2 -7.11 -7.64 -5.58
N CYS A 3 -6.26 -6.68 -5.90
CA CYS A 3 -5.19 -6.27 -4.99
C CYS A 3 -5.21 -4.76 -4.79
N ALA A 4 -4.43 -4.29 -3.82
CA ALA A 4 -4.36 -2.87 -3.53
C ALA A 4 -3.63 -2.11 -4.64
N GLU A 5 -4.39 -1.31 -5.40
CA GLU A 5 -3.81 -0.54 -6.49
C GLU A 5 -2.92 0.56 -5.96
N LYS A 6 -2.57 1.51 -6.85
CA LYS A 6 -1.71 2.63 -6.46
C LYS A 6 -2.37 3.48 -5.39
N GLY A 7 -1.60 3.83 -4.36
CA GLY A 7 -2.13 4.64 -3.28
C GLY A 7 -3.39 4.06 -2.68
N ILE A 8 -3.29 2.83 -2.17
CA ILE A 8 -4.44 2.16 -1.57
C ILE A 8 -4.08 1.57 -0.21
N ARG A 9 -5.08 1.47 0.66
CA ARG A 9 -4.86 0.92 2.00
C ARG A 9 -4.15 -0.43 1.93
N CYS A 10 -2.93 -0.47 2.45
CA CYS A 10 -2.14 -1.70 2.44
C CYS A 10 -2.03 -2.28 3.85
N ASP A 11 -2.95 -1.88 4.73
CA ASP A 11 -2.95 -2.36 6.10
C ASP A 11 -3.58 -3.75 6.20
N ASP A 12 -4.50 -4.04 5.29
CA ASP A 12 -5.18 -5.33 5.27
C ASP A 12 -4.75 -6.15 4.04
N ILE A 13 -4.88 -5.55 2.87
CA ILE A 13 -4.51 -6.21 1.63
C ILE A 13 -3.14 -5.75 1.14
N HIS A 14 -2.50 -6.57 0.30
CA HIS A 14 -1.20 -6.23 -0.24
C HIS A 14 -1.32 -5.46 -1.55
N CYS A 15 -0.33 -4.62 -1.83
CA CYS A 15 -0.34 -3.82 -3.04
C CYS A 15 -0.08 -4.69 -4.27
N CYS A 16 -0.66 -4.30 -5.40
CA CYS A 16 -0.50 -5.04 -6.64
C CYS A 16 0.97 -5.10 -7.06
N THR A 17 1.32 -6.13 -7.82
CA THR A 17 2.70 -6.30 -8.28
C THR A 17 3.21 -5.05 -8.97
N GLY A 18 4.13 -4.35 -8.30
CA GLY A 18 4.69 -3.13 -8.86
C GLY A 18 4.68 -1.98 -7.88
N LEU A 19 3.73 -2.01 -6.94
CA LEU A 19 3.62 -0.97 -5.93
C LEU A 19 4.15 -1.44 -4.59
N LYS A 20 4.55 -0.50 -3.74
CA LYS A 20 5.06 -0.82 -2.42
C LYS A 20 4.25 -0.16 -1.33
N CYS A 21 4.07 -0.85 -0.22
CA CYS A 21 3.30 -0.32 0.91
C CYS A 21 4.11 0.70 1.70
N LYS A 22 3.92 1.98 1.39
CA LYS A 22 4.63 3.04 2.06
C LYS A 22 3.87 3.53 3.29
N CYS A 23 4.34 3.13 4.47
CA CYS A 23 3.69 3.52 5.72
C CYS A 23 4.71 4.11 6.69
N ASN A 24 4.27 5.12 7.45
CA ASN A 24 5.14 5.77 8.42
C ASN A 24 5.47 4.84 9.58
N ALA A 25 6.35 5.28 10.47
CA ALA A 25 6.74 4.49 11.63
C ALA A 25 5.70 4.60 12.74
N SER A 26 4.94 5.68 12.72
CA SER A 26 3.91 5.90 13.74
C SER A 26 2.76 4.92 13.56
N GLY A 27 2.57 4.45 12.33
CA GLY A 27 1.50 3.51 12.04
C GLY A 27 0.40 4.12 11.20
N TYR A 28 0.73 5.20 10.49
CA TYR A 28 -0.24 5.88 9.64
C TYR A 28 0.34 6.13 8.25
N ASN A 29 -0.43 6.84 7.42
CA ASN A 29 0.00 7.15 6.05
C ASN A 29 0.42 5.88 5.31
N CYS A 30 -0.18 4.76 5.69
CA CYS A 30 0.13 3.48 5.06
C CYS A 30 -0.60 3.34 3.72
N VAL A 31 0.03 3.85 2.66
CA VAL A 31 -0.55 3.78 1.33
C VAL A 31 0.45 3.22 0.32
N CYS A 32 -0.07 2.67 -0.78
CA CYS A 32 0.79 2.10 -1.81
C CYS A 32 1.42 3.19 -2.66
N ARG A 33 2.60 2.90 -3.20
CA ARG A 33 3.31 3.86 -4.03
C ARG A 33 4.15 3.14 -5.09
N LYS A 34 4.40 3.83 -6.20
CA LYS A 34 5.20 3.26 -7.29
C LYS A 34 6.68 3.36 -6.98
N LYS A 35 7.10 2.82 -5.85
CA LYS A 35 8.49 2.85 -5.45
C LYS A 35 9.19 1.53 -5.76
N GLY A 1 -6.66 -10.32 -10.12
CA GLY A 1 -7.22 -10.45 -8.79
C GLY A 1 -7.40 -9.12 -8.09
N TYR A 2 -8.11 -9.12 -6.98
CA TYR A 2 -8.35 -7.90 -6.22
C TYR A 2 -7.15 -7.53 -5.35
N CYS A 3 -6.37 -6.56 -5.82
CA CYS A 3 -5.18 -6.12 -5.10
C CYS A 3 -5.19 -4.61 -4.90
N ALA A 4 -4.43 -4.13 -3.92
CA ALA A 4 -4.35 -2.71 -3.63
C ALA A 4 -3.61 -1.97 -4.74
N GLU A 5 -4.35 -1.17 -5.50
CA GLU A 5 -3.76 -0.40 -6.60
C GLU A 5 -2.85 0.70 -6.06
N LYS A 6 -2.49 1.64 -6.93
CA LYS A 6 -1.61 2.75 -6.55
C LYS A 6 -2.28 3.60 -5.47
N GLY A 7 -1.51 3.93 -4.44
CA GLY A 7 -2.04 4.74 -3.35
C GLY A 7 -3.32 4.17 -2.78
N ILE A 8 -3.24 2.96 -2.26
CA ILE A 8 -4.40 2.29 -1.68
C ILE A 8 -4.07 1.70 -0.32
N ARG A 9 -5.08 1.63 0.56
CA ARG A 9 -4.90 1.08 1.89
C ARG A 9 -4.23 -0.29 1.82
N CYS A 10 -3.02 -0.39 2.37
CA CYS A 10 -2.27 -1.65 2.37
C CYS A 10 -2.25 -2.26 3.77
N ASP A 11 -3.17 -1.82 4.62
CA ASP A 11 -3.25 -2.32 5.99
C ASP A 11 -3.95 -3.67 6.03
N ASP A 12 -4.81 -3.92 5.04
CA ASP A 12 -5.54 -5.18 4.97
C ASP A 12 -5.05 -6.02 3.80
N ILE A 13 -5.09 -5.46 2.60
CA ILE A 13 -4.65 -6.17 1.41
C ILE A 13 -3.28 -5.68 0.96
N HIS A 14 -2.59 -6.50 0.18
CA HIS A 14 -1.27 -6.15 -0.33
C HIS A 14 -1.37 -5.40 -1.66
N CYS A 15 -0.35 -4.59 -1.95
CA CYS A 15 -0.33 -3.82 -3.18
C CYS A 15 -0.06 -4.72 -4.39
N CYS A 16 -0.62 -4.35 -5.53
CA CYS A 16 -0.45 -5.13 -6.76
C CYS A 16 1.03 -5.19 -7.15
N THR A 17 1.39 -6.22 -7.91
CA THR A 17 2.76 -6.40 -8.35
C THR A 17 3.29 -5.14 -9.03
N GLY A 18 4.10 -4.38 -8.31
CA GLY A 18 4.66 -3.16 -8.85
C GLY A 18 4.67 -2.02 -7.85
N LEU A 19 3.72 -2.04 -6.93
CA LEU A 19 3.62 -1.00 -5.90
C LEU A 19 4.10 -1.52 -4.56
N LYS A 20 4.51 -0.59 -3.69
CA LYS A 20 5.00 -0.96 -2.37
C LYS A 20 4.19 -0.26 -1.28
N CYS A 21 3.95 -0.96 -0.18
CA CYS A 21 3.20 -0.40 0.94
C CYS A 21 4.03 0.60 1.72
N LYS A 22 3.86 1.88 1.40
CA LYS A 22 4.59 2.94 2.08
C LYS A 22 3.83 3.45 3.30
N CYS A 23 4.27 3.03 4.48
CA CYS A 23 3.63 3.44 5.73
C CYS A 23 4.64 4.02 6.69
N ASN A 24 4.22 5.03 7.46
CA ASN A 24 5.10 5.68 8.43
C ASN A 24 5.40 4.75 9.59
N ALA A 25 6.30 5.19 10.47
CA ALA A 25 6.68 4.39 11.64
C ALA A 25 5.64 4.50 12.74
N SER A 26 4.89 5.60 12.73
CA SER A 26 3.85 5.84 13.73
C SER A 26 2.69 4.87 13.54
N GLY A 27 2.50 4.40 12.31
CA GLY A 27 1.42 3.48 12.02
C GLY A 27 0.33 4.10 11.18
N TYR A 28 0.68 5.18 10.47
CA TYR A 28 -0.27 5.87 9.62
C TYR A 28 0.30 6.12 8.23
N ASN A 29 -0.45 6.83 7.40
CA ASN A 29 0.00 7.13 6.04
C ASN A 29 0.40 5.86 5.30
N CYS A 30 -0.23 4.74 5.68
CA CYS A 30 0.07 3.46 5.05
C CYS A 30 -0.64 3.35 3.70
N VAL A 31 0.01 3.83 2.65
CA VAL A 31 -0.56 3.78 1.30
C VAL A 31 0.45 3.21 0.31
N CYS A 32 -0.06 2.63 -0.77
CA CYS A 32 0.79 2.05 -1.80
C CYS A 32 1.45 3.14 -2.64
N ARG A 33 2.64 2.83 -3.17
CA ARG A 33 3.38 3.78 -3.99
C ARG A 33 4.23 3.07 -5.02
N LYS A 34 4.52 3.74 -6.13
CA LYS A 34 5.32 3.17 -7.19
C LYS A 34 6.81 3.25 -6.86
N LYS A 35 7.19 2.69 -5.71
CA LYS A 35 8.58 2.71 -5.27
C LYS A 35 9.30 1.44 -5.73
N GLY A 1 -6.59 -11.69 -7.50
CA GLY A 1 -7.15 -10.72 -8.43
C GLY A 1 -7.31 -9.35 -7.82
N TYR A 2 -8.04 -9.27 -6.71
CA TYR A 2 -8.28 -8.00 -6.03
C TYR A 2 -7.07 -7.62 -5.17
N CYS A 3 -6.30 -6.65 -5.65
CA CYS A 3 -5.12 -6.19 -4.92
C CYS A 3 -5.13 -4.67 -4.76
N ALA A 4 -4.37 -4.18 -3.79
CA ALA A 4 -4.30 -2.74 -3.54
C ALA A 4 -3.56 -2.03 -4.66
N GLU A 5 -4.31 -1.25 -5.45
CA GLU A 5 -3.71 -0.52 -6.56
C GLU A 5 -2.83 0.62 -6.05
N LYS A 6 -2.47 1.52 -6.96
CA LYS A 6 -1.63 2.66 -6.60
C LYS A 6 -2.31 3.54 -5.55
N GLY A 7 -1.55 3.90 -4.52
CA GLY A 7 -2.10 4.73 -3.46
C GLY A 7 -3.38 4.17 -2.89
N ILE A 8 -3.31 2.94 -2.37
CA ILE A 8 -4.47 2.29 -1.79
C ILE A 8 -4.16 1.71 -0.42
N ARG A 9 -5.16 1.65 0.44
CA ARG A 9 -4.98 1.11 1.79
C ARG A 9 -4.36 -0.28 1.75
N CYS A 10 -3.15 -0.39 2.28
CA CYS A 10 -2.44 -1.66 2.30
C CYS A 10 -2.31 -2.19 3.73
N ASP A 11 -3.22 -1.76 4.60
CA ASP A 11 -3.21 -2.19 5.99
C ASP A 11 -3.28 -3.70 6.09
N ASP A 12 -4.26 -4.30 5.42
CA ASP A 12 -4.44 -5.74 5.43
C ASP A 12 -4.10 -6.34 4.06
N ILE A 13 -4.56 -5.69 3.00
CA ILE A 13 -4.31 -6.16 1.65
C ILE A 13 -2.96 -5.67 1.14
N HIS A 14 -2.32 -6.48 0.29
CA HIS A 14 -1.02 -6.12 -0.26
C HIS A 14 -1.18 -5.35 -1.57
N CYS A 15 -0.15 -4.61 -1.94
CA CYS A 15 -0.18 -3.81 -3.17
C CYS A 15 0.11 -4.69 -4.39
N CYS A 16 -0.54 -4.37 -5.50
CA CYS A 16 -0.37 -5.13 -6.74
C CYS A 16 1.09 -5.12 -7.17
N THR A 17 1.49 -6.15 -7.92
CA THR A 17 2.86 -6.27 -8.39
C THR A 17 3.31 -5.00 -9.10
N GLY A 18 4.16 -4.23 -8.42
CA GLY A 18 4.65 -2.99 -9.00
C GLY A 18 4.64 -1.84 -8.01
N LEU A 19 3.77 -1.94 -7.00
CA LEU A 19 3.66 -0.90 -5.98
C LEU A 19 4.16 -1.41 -4.63
N LYS A 20 4.53 -0.48 -3.76
CA LYS A 20 5.02 -0.83 -2.43
C LYS A 20 4.18 -0.15 -1.35
N CYS A 21 3.95 -0.86 -0.25
CA CYS A 21 3.18 -0.33 0.86
C CYS A 21 4.00 0.68 1.66
N LYS A 22 3.82 1.96 1.35
CA LYS A 22 4.53 3.02 2.04
C LYS A 22 3.76 3.51 3.25
N CYS A 23 4.20 3.11 4.44
CA CYS A 23 3.54 3.51 5.67
C CYS A 23 4.54 4.11 6.66
N ASN A 24 4.09 5.11 7.42
CA ASN A 24 4.95 5.76 8.40
C ASN A 24 5.26 4.83 9.57
N ALA A 25 6.13 5.28 10.46
CA ALA A 25 6.51 4.50 11.63
C ALA A 25 5.45 4.58 12.72
N SER A 26 4.68 5.67 12.70
CA SER A 26 3.63 5.88 13.69
C SER A 26 2.48 4.90 13.49
N GLY A 27 2.30 4.46 12.25
CA GLY A 27 1.24 3.52 11.94
C GLY A 27 0.15 4.13 11.07
N TYR A 28 0.50 5.21 10.38
CA TYR A 28 -0.45 5.89 9.51
C TYR A 28 0.16 6.15 8.14
N ASN A 29 -0.59 6.85 7.28
CA ASN A 29 -0.12 7.15 5.93
C ASN A 29 0.28 5.88 5.20
N CYS A 30 -0.32 4.76 5.57
CA CYS A 30 -0.02 3.48 4.94
C CYS A 30 -0.72 3.35 3.60
N VAL A 31 -0.07 3.84 2.55
CA VAL A 31 -0.63 3.78 1.21
C VAL A 31 0.39 3.23 0.21
N CYS A 32 -0.10 2.65 -0.88
CA CYS A 32 0.75 2.09 -1.90
C CYS A 32 1.40 3.18 -2.74
N ARG A 33 2.60 2.90 -3.25
CA ARG A 33 3.32 3.87 -4.07
C ARG A 33 4.20 3.16 -5.10
N LYS A 34 4.46 3.84 -6.21
CA LYS A 34 5.28 3.27 -7.28
C LYS A 34 6.77 3.40 -6.95
N LYS A 35 7.16 2.86 -5.80
CA LYS A 35 8.56 2.91 -5.37
C LYS A 35 9.18 1.52 -5.37
N GLY A 1 -7.87 -13.48 -4.00
CA GLY A 1 -7.55 -12.22 -3.35
C GLY A 1 -6.89 -11.23 -4.30
N TYR A 2 -7.57 -10.12 -4.56
CA TYR A 2 -7.04 -9.09 -5.44
C TYR A 2 -5.91 -8.33 -4.77
N CYS A 3 -5.48 -7.24 -5.41
CA CYS A 3 -4.41 -6.41 -4.88
C CYS A 3 -4.81 -4.94 -4.87
N ALA A 4 -4.09 -4.14 -4.08
CA ALA A 4 -4.36 -2.72 -3.98
C ALA A 4 -3.77 -1.95 -5.16
N GLU A 5 -4.47 -0.91 -5.60
CA GLU A 5 -4.02 -0.11 -6.73
C GLU A 5 -3.07 0.98 -6.25
N LYS A 6 -2.74 1.91 -7.15
CA LYS A 6 -1.84 3.00 -6.83
C LYS A 6 -2.42 3.89 -5.75
N GLY A 7 -1.85 3.80 -4.54
CA GLY A 7 -2.34 4.60 -3.43
C GLY A 7 -3.66 4.10 -2.88
N ILE A 8 -3.66 2.87 -2.40
CA ILE A 8 -4.87 2.27 -1.85
C ILE A 8 -4.59 1.60 -0.50
N ARG A 9 -5.59 1.57 0.36
CA ARG A 9 -5.46 0.96 1.68
C ARG A 9 -4.87 -0.44 1.56
N CYS A 10 -3.67 -0.62 2.10
CA CYS A 10 -3.00 -1.92 2.06
C CYS A 10 -2.62 -2.38 3.47
N ASP A 11 -3.29 -1.81 4.47
CA ASP A 11 -3.04 -2.16 5.87
C ASP A 11 -3.09 -3.67 6.05
N ASP A 12 -4.05 -4.32 5.38
CA ASP A 12 -4.21 -5.76 5.48
C ASP A 12 -3.81 -6.45 4.18
N ILE A 13 -4.29 -5.90 3.07
CA ILE A 13 -3.98 -6.46 1.76
C ILE A 13 -2.72 -5.83 1.17
N HIS A 14 -2.05 -6.57 0.30
CA HIS A 14 -0.83 -6.07 -0.34
C HIS A 14 -1.15 -5.34 -1.64
N CYS A 15 -0.20 -4.55 -2.12
CA CYS A 15 -0.38 -3.80 -3.35
C CYS A 15 -0.15 -4.68 -4.57
N CYS A 16 -0.56 -4.19 -5.74
CA CYS A 16 -0.40 -4.95 -6.98
C CYS A 16 1.07 -4.99 -7.41
N THR A 17 1.36 -5.84 -8.38
CA THR A 17 2.73 -5.98 -8.87
C THR A 17 3.25 -4.66 -9.44
N GLY A 18 4.05 -3.97 -8.64
CA GLY A 18 4.60 -2.69 -9.07
C GLY A 18 4.48 -1.62 -8.01
N LEU A 19 3.57 -1.82 -7.06
CA LEU A 19 3.36 -0.86 -5.98
C LEU A 19 3.80 -1.45 -4.64
N LYS A 20 4.19 -0.57 -3.72
CA LYS A 20 4.62 -1.00 -2.40
C LYS A 20 3.84 -0.29 -1.31
N CYS A 21 3.53 -1.01 -0.23
CA CYS A 21 2.78 -0.44 0.88
C CYS A 21 3.65 0.51 1.70
N LYS A 22 3.58 1.79 1.38
CA LYS A 22 4.36 2.80 2.09
C LYS A 22 3.58 3.34 3.29
N CYS A 23 4.04 2.99 4.49
CA CYS A 23 3.39 3.44 5.72
C CYS A 23 4.41 4.03 6.68
N ASN A 24 4.00 5.08 7.40
CA ASN A 24 4.88 5.73 8.36
C ASN A 24 5.13 4.84 9.57
N ALA A 25 6.04 5.28 10.44
CA ALA A 25 6.37 4.51 11.64
C ALA A 25 5.31 4.71 12.72
N SER A 26 4.58 5.82 12.65
CA SER A 26 3.55 6.13 13.62
C SER A 26 2.36 5.18 13.49
N GLY A 27 2.18 4.66 12.28
CA GLY A 27 1.08 3.75 12.01
C GLY A 27 0.02 4.35 11.11
N TYR A 28 0.40 5.40 10.38
CA TYR A 28 -0.53 6.07 9.48
C TYR A 28 0.10 6.25 8.10
N ASN A 29 -0.62 6.93 7.22
CA ASN A 29 -0.14 7.18 5.86
C ASN A 29 0.22 5.88 5.16
N CYS A 30 -0.43 4.79 5.58
CA CYS A 30 -0.18 3.47 5.00
C CYS A 30 -0.91 3.33 3.67
N VAL A 31 -0.25 3.75 2.59
CA VAL A 31 -0.83 3.67 1.25
C VAL A 31 0.17 3.12 0.25
N CYS A 32 -0.34 2.57 -0.85
CA CYS A 32 0.51 2.01 -1.89
C CYS A 32 1.19 3.11 -2.69
N ARG A 33 2.39 2.82 -3.18
CA ARG A 33 3.16 3.78 -3.97
C ARG A 33 4.03 3.07 -5.00
N LYS A 34 4.29 3.75 -6.12
CA LYS A 34 5.12 3.18 -7.18
C LYS A 34 6.60 3.33 -6.85
N LYS A 35 7.00 2.78 -5.70
CA LYS A 35 8.39 2.85 -5.27
C LYS A 35 9.04 1.47 -5.32
N GLY A 1 -6.24 -10.61 -8.78
CA GLY A 1 -7.59 -10.30 -8.36
C GLY A 1 -7.72 -8.93 -7.74
N TYR A 2 -8.43 -8.84 -6.64
CA TYR A 2 -8.63 -7.57 -5.95
C TYR A 2 -7.42 -7.22 -5.09
N CYS A 3 -6.63 -6.26 -5.56
CA CYS A 3 -5.44 -5.84 -4.83
C CYS A 3 -5.42 -4.31 -4.66
N ALA A 4 -4.59 -3.84 -3.74
CA ALA A 4 -4.47 -2.41 -3.48
C ALA A 4 -3.81 -1.69 -4.64
N GLU A 5 -4.57 -0.84 -5.32
CA GLU A 5 -4.05 -0.08 -6.47
C GLU A 5 -3.06 0.97 -6.00
N LYS A 6 -2.72 1.88 -6.91
CA LYS A 6 -1.78 2.95 -6.60
C LYS A 6 -2.27 3.82 -5.45
N GLY A 7 -1.46 3.93 -4.42
CA GLY A 7 -1.83 4.73 -3.26
C GLY A 7 -3.16 4.30 -2.67
N ILE A 8 -3.20 3.09 -2.13
CA ILE A 8 -4.41 2.56 -1.52
C ILE A 8 -4.13 1.94 -0.16
N ARG A 9 -5.13 1.98 0.72
CA ARG A 9 -4.98 1.43 2.06
C ARG A 9 -4.45 0.00 2.01
N CYS A 10 -3.21 -0.18 2.44
CA CYS A 10 -2.57 -1.49 2.43
C CYS A 10 -2.49 -2.06 3.85
N ASP A 11 -3.37 -1.58 4.73
CA ASP A 11 -3.39 -2.05 6.11
C ASP A 11 -3.51 -3.56 6.18
N ASP A 12 -4.51 -4.11 5.48
CA ASP A 12 -4.73 -5.55 5.47
C ASP A 12 -4.40 -6.12 4.09
N ILE A 13 -4.85 -5.44 3.04
CA ILE A 13 -4.60 -5.88 1.68
C ILE A 13 -3.23 -5.44 1.19
N HIS A 14 -2.61 -6.25 0.34
CA HIS A 14 -1.29 -5.93 -0.21
C HIS A 14 -1.42 -5.12 -1.50
N CYS A 15 -0.35 -4.43 -1.86
CA CYS A 15 -0.34 -3.61 -3.06
C CYS A 15 -0.09 -4.48 -4.30
N CYS A 16 -0.70 -4.09 -5.42
CA CYS A 16 -0.54 -4.83 -6.67
C CYS A 16 0.91 -4.85 -7.11
N THR A 17 1.27 -5.86 -7.90
CA THR A 17 2.63 -6.00 -8.40
C THR A 17 3.12 -4.71 -9.04
N GLY A 18 4.04 -4.02 -8.38
CA GLY A 18 4.56 -2.78 -8.91
C GLY A 18 4.61 -1.67 -7.87
N LEU A 19 3.75 -1.79 -6.86
CA LEU A 19 3.69 -0.79 -5.80
C LEU A 19 4.12 -1.39 -4.46
N LYS A 20 4.55 -0.53 -3.54
CA LYS A 20 4.98 -0.99 -2.23
C LYS A 20 4.17 -0.31 -1.13
N CYS A 21 3.88 -1.05 -0.07
CA CYS A 21 3.10 -0.52 1.05
C CYS A 21 3.95 0.41 1.91
N LYS A 22 3.88 1.71 1.61
CA LYS A 22 4.65 2.71 2.35
C LYS A 22 3.84 3.23 3.54
N CYS A 23 4.22 2.81 4.74
CA CYS A 23 3.54 3.23 5.95
C CYS A 23 4.54 3.72 7.00
N ASN A 24 4.15 4.74 7.75
CA ASN A 24 5.01 5.30 8.78
C ASN A 24 5.15 4.33 9.96
N ALA A 25 6.02 4.68 10.91
CA ALA A 25 6.24 3.85 12.08
C ALA A 25 5.13 4.05 13.12
N SER A 26 4.50 5.22 13.07
CA SER A 26 3.43 5.54 14.02
C SER A 26 2.19 4.71 13.73
N GLY A 27 2.04 4.29 12.48
CA GLY A 27 0.90 3.48 12.10
C GLY A 27 -0.07 4.23 11.19
N TYR A 28 0.44 5.27 10.53
CA TYR A 28 -0.37 6.07 9.63
C TYR A 28 0.32 6.25 8.28
N ASN A 29 -0.29 7.05 7.42
CA ASN A 29 0.27 7.31 6.09
C ASN A 29 0.60 6.01 5.37
N CYS A 30 -0.16 4.95 5.68
CA CYS A 30 0.04 3.66 5.06
C CYS A 30 -0.62 3.59 3.68
N VAL A 31 0.11 4.04 2.67
CA VAL A 31 -0.40 4.03 1.30
C VAL A 31 0.58 3.37 0.35
N CYS A 32 0.09 2.92 -0.79
CA CYS A 32 0.93 2.27 -1.79
C CYS A 32 1.68 3.30 -2.62
N ARG A 33 2.90 2.94 -3.04
CA ARG A 33 3.73 3.83 -3.84
C ARG A 33 4.57 3.05 -4.83
N LYS A 34 4.70 3.58 -6.05
CA LYS A 34 5.49 2.93 -7.09
C LYS A 34 6.97 3.14 -6.86
N LYS A 35 7.47 2.70 -5.71
CA LYS A 35 8.88 2.84 -5.37
C LYS A 35 9.42 1.53 -4.78
N GLY A 1 -6.92 -13.35 -3.72
CA GLY A 1 -7.11 -11.99 -3.22
C GLY A 1 -6.60 -10.94 -4.19
N TYR A 2 -7.34 -9.87 -4.36
CA TYR A 2 -6.96 -8.80 -5.27
C TYR A 2 -5.81 -7.98 -4.69
N CYS A 3 -5.50 -6.86 -5.34
CA CYS A 3 -4.42 -5.99 -4.89
C CYS A 3 -4.88 -4.54 -4.83
N ALA A 4 -4.09 -3.70 -4.16
CA ALA A 4 -4.42 -2.29 -4.04
C ALA A 4 -3.83 -1.48 -5.19
N GLU A 5 -4.57 -0.48 -5.65
CA GLU A 5 -4.13 0.37 -6.75
C GLU A 5 -3.16 1.44 -6.26
N LYS A 6 -2.85 2.39 -7.12
CA LYS A 6 -1.94 3.48 -6.78
C LYS A 6 -2.50 4.32 -5.64
N GLY A 7 -1.89 4.23 -4.47
CA GLY A 7 -2.34 5.00 -3.33
C GLY A 7 -3.66 4.50 -2.79
N ILE A 8 -3.69 3.26 -2.32
CA ILE A 8 -4.91 2.66 -1.78
C ILE A 8 -4.64 1.99 -0.44
N ARG A 9 -5.66 1.96 0.41
CA ARG A 9 -5.54 1.34 1.73
C ARG A 9 -4.96 -0.06 1.61
N CYS A 10 -3.73 -0.23 2.10
CA CYS A 10 -3.06 -1.53 2.06
C CYS A 10 -2.77 -2.04 3.47
N ASP A 11 -3.54 -1.57 4.44
CA ASP A 11 -3.38 -1.97 5.82
C ASP A 11 -3.37 -3.50 5.94
N ASP A 12 -4.33 -4.14 5.29
CA ASP A 12 -4.42 -5.60 5.31
C ASP A 12 -4.06 -6.20 3.96
N ILE A 13 -4.55 -5.57 2.90
CA ILE A 13 -4.28 -6.04 1.54
C ILE A 13 -3.00 -5.42 0.99
N HIS A 14 -2.30 -6.19 0.15
CA HIS A 14 -1.06 -5.72 -0.45
C HIS A 14 -1.32 -4.99 -1.76
N CYS A 15 -0.39 -4.12 -2.15
CA CYS A 15 -0.53 -3.37 -3.38
C CYS A 15 -0.33 -4.26 -4.61
N CYS A 16 -0.68 -3.74 -5.78
CA CYS A 16 -0.54 -4.49 -7.02
C CYS A 16 0.93 -4.59 -7.44
N THR A 17 1.20 -5.42 -8.43
CA THR A 17 2.56 -5.60 -8.93
C THR A 17 3.12 -4.29 -9.48
N GLY A 18 3.88 -3.58 -8.64
CA GLY A 18 4.47 -2.33 -9.06
C GLY A 18 4.38 -1.26 -7.98
N LEU A 19 3.47 -1.46 -7.04
CA LEU A 19 3.27 -0.50 -5.95
C LEU A 19 3.70 -1.10 -4.62
N LYS A 20 4.14 -0.24 -3.71
CA LYS A 20 4.58 -0.69 -2.39
C LYS A 20 3.77 -0.01 -1.28
N CYS A 21 3.48 -0.75 -0.22
CA CYS A 21 2.72 -0.22 0.89
C CYS A 21 3.57 0.71 1.75
N LYS A 22 3.49 2.00 1.46
CA LYS A 22 4.26 3.00 2.20
C LYS A 22 3.46 3.51 3.39
N CYS A 23 3.88 3.11 4.59
CA CYS A 23 3.21 3.53 5.82
C CYS A 23 4.21 4.09 6.82
N ASN A 24 3.79 5.09 7.58
CA ASN A 24 4.66 5.71 8.59
C ASN A 24 4.89 4.77 9.75
N ALA A 25 5.77 5.18 10.67
CA ALA A 25 6.09 4.36 11.84
C ALA A 25 5.01 4.52 12.91
N SER A 26 4.29 5.64 12.86
CA SER A 26 3.24 5.90 13.84
C SER A 26 2.05 4.97 13.63
N GLY A 27 1.89 4.50 12.40
CA GLY A 27 0.79 3.61 12.08
C GLY A 27 -0.25 4.25 11.20
N TYR A 28 0.14 5.32 10.51
CA TYR A 28 -0.77 6.03 9.62
C TYR A 28 -0.12 6.28 8.26
N ASN A 29 -0.82 7.01 7.40
CA ASN A 29 -0.32 7.31 6.07
C ASN A 29 0.05 6.04 5.32
N CYS A 30 -0.59 4.93 5.68
CA CYS A 30 -0.34 3.65 5.05
C CYS A 30 -1.03 3.57 3.69
N VAL A 31 -0.35 4.05 2.65
CA VAL A 31 -0.89 4.03 1.31
C VAL A 31 0.11 3.45 0.31
N CYS A 32 -0.39 2.99 -0.83
CA CYS A 32 0.47 2.43 -1.86
C CYS A 32 1.19 3.52 -2.65
N ARG A 33 2.39 3.21 -3.11
CA ARG A 33 3.18 4.17 -3.88
C ARG A 33 4.05 3.45 -4.91
N LYS A 34 4.37 4.16 -5.99
CA LYS A 34 5.18 3.59 -7.06
C LYS A 34 6.66 3.65 -6.69
N LYS A 35 7.01 3.04 -5.56
CA LYS A 35 8.39 3.01 -5.10
C LYS A 35 8.93 4.42 -4.92
N GLY A 1 -6.62 -12.79 -2.47
CA GLY A 1 -7.67 -12.02 -3.11
C GLY A 1 -7.13 -11.00 -4.10
N TYR A 2 -7.84 -9.90 -4.25
CA TYR A 2 -7.43 -8.85 -5.17
C TYR A 2 -6.24 -8.06 -4.61
N CYS A 3 -5.90 -6.96 -5.27
CA CYS A 3 -4.78 -6.13 -4.83
C CYS A 3 -5.19 -4.66 -4.78
N ALA A 4 -4.34 -3.84 -4.16
CA ALA A 4 -4.61 -2.41 -4.04
C ALA A 4 -4.01 -1.64 -5.21
N GLU A 5 -4.74 -0.62 -5.67
CA GLU A 5 -4.28 0.20 -6.78
C GLU A 5 -3.26 1.23 -6.31
N LYS A 6 -2.94 2.17 -7.20
CA LYS A 6 -1.98 3.22 -6.88
C LYS A 6 -2.49 4.10 -5.75
N GLY A 7 -1.86 3.99 -4.58
CA GLY A 7 -2.25 4.78 -3.44
C GLY A 7 -3.59 4.34 -2.87
N ILE A 8 -3.65 3.11 -2.38
CA ILE A 8 -4.88 2.56 -1.81
C ILE A 8 -4.60 1.89 -0.46
N ARG A 9 -5.61 1.91 0.40
CA ARG A 9 -5.48 1.30 1.72
C ARG A 9 -4.94 -0.12 1.63
N CYS A 10 -3.71 -0.31 2.10
CA CYS A 10 -3.08 -1.63 2.05
C CYS A 10 -2.81 -2.15 3.46
N ASP A 11 -3.56 -1.63 4.43
CA ASP A 11 -3.40 -2.05 5.82
C ASP A 11 -3.44 -3.57 5.95
N ASP A 12 -4.44 -4.18 5.32
CA ASP A 12 -4.59 -5.63 5.36
C ASP A 12 -4.29 -6.24 4.00
N ILE A 13 -4.76 -5.60 2.95
CA ILE A 13 -4.53 -6.09 1.59
C ILE A 13 -3.24 -5.54 1.02
N HIS A 14 -2.59 -6.34 0.16
CA HIS A 14 -1.34 -5.93 -0.46
C HIS A 14 -1.59 -5.20 -1.77
N CYS A 15 -0.62 -4.39 -2.20
CA CYS A 15 -0.75 -3.63 -3.43
C CYS A 15 -0.60 -4.54 -4.65
N CYS A 16 -0.96 -4.03 -5.82
CA CYS A 16 -0.88 -4.80 -7.05
C CYS A 16 0.58 -4.95 -7.50
N THR A 17 0.80 -5.81 -8.49
CA THR A 17 2.13 -6.05 -9.01
C THR A 17 2.74 -4.76 -9.58
N GLY A 18 3.54 -4.09 -8.77
CA GLY A 18 4.18 -2.85 -9.21
C GLY A 18 4.14 -1.77 -8.15
N LEU A 19 3.24 -1.92 -7.18
CA LEU A 19 3.10 -0.94 -6.11
C LEU A 19 3.53 -1.55 -4.78
N LYS A 20 4.03 -0.69 -3.88
CA LYS A 20 4.48 -1.14 -2.57
C LYS A 20 3.71 -0.42 -1.46
N CYS A 21 3.43 -1.14 -0.38
CA CYS A 21 2.70 -0.58 0.75
C CYS A 21 3.60 0.34 1.58
N LYS A 22 3.56 1.63 1.27
CA LYS A 22 4.37 2.61 1.99
C LYS A 22 3.62 3.16 3.19
N CYS A 23 4.04 2.76 4.39
CA CYS A 23 3.41 3.21 5.61
C CYS A 23 4.45 3.74 6.60
N ASN A 24 4.09 4.77 7.35
CA ASN A 24 4.99 5.37 8.32
C ASN A 24 5.21 4.42 9.51
N ALA A 25 6.12 4.81 10.40
CA ALA A 25 6.43 3.99 11.57
C ALA A 25 5.38 4.20 12.66
N SER A 26 4.70 5.34 12.62
CA SER A 26 3.68 5.66 13.61
C SER A 26 2.46 4.77 13.43
N GLY A 27 2.26 4.29 12.20
CA GLY A 27 1.12 3.43 11.92
C GLY A 27 0.08 4.11 11.04
N TYR A 28 0.50 5.16 10.35
CA TYR A 28 -0.40 5.91 9.46
C TYR A 28 0.23 6.11 8.09
N ASN A 29 -0.45 6.85 7.24
CA ASN A 29 0.04 7.13 5.89
C ASN A 29 0.34 5.83 5.15
N CYS A 30 -0.35 4.76 5.53
CA CYS A 30 -0.14 3.46 4.91
C CYS A 30 -0.87 3.39 3.57
N VAL A 31 -0.18 3.84 2.51
CA VAL A 31 -0.76 3.82 1.17
C VAL A 31 0.21 3.20 0.17
N CYS A 32 -0.32 2.74 -0.96
CA CYS A 32 0.49 2.13 -2.01
C CYS A 32 1.22 3.19 -2.81
N ARG A 33 2.42 2.84 -3.30
CA ARG A 33 3.22 3.75 -4.09
C ARG A 33 4.04 3.00 -5.13
N LYS A 34 4.36 3.67 -6.23
CA LYS A 34 5.13 3.06 -7.31
C LYS A 34 6.63 3.06 -6.96
N LYS A 35 6.98 2.45 -5.83
CA LYS A 35 8.36 2.38 -5.40
C LYS A 35 8.77 0.94 -5.14
N GLY A 1 -7.65 -13.31 -4.03
CA GLY A 1 -6.94 -12.24 -3.33
C GLY A 1 -6.42 -11.17 -4.28
N TYR A 2 -7.19 -10.09 -4.44
CA TYR A 2 -6.81 -9.01 -5.32
C TYR A 2 -5.68 -8.18 -4.71
N CYS A 3 -5.38 -7.05 -5.34
CA CYS A 3 -4.31 -6.18 -4.87
C CYS A 3 -4.78 -4.72 -4.84
N ALA A 4 -4.01 -3.87 -4.18
CA ALA A 4 -4.35 -2.45 -4.07
C ALA A 4 -3.75 -1.68 -5.24
N GLU A 5 -4.43 -0.59 -5.63
CA GLU A 5 -3.96 0.23 -6.74
C GLU A 5 -3.03 1.33 -6.24
N LYS A 6 -2.70 2.27 -7.12
CA LYS A 6 -1.82 3.38 -6.77
C LYS A 6 -2.42 4.22 -5.66
N GLY A 7 -1.84 4.12 -4.47
CA GLY A 7 -2.33 4.88 -3.33
C GLY A 7 -3.67 4.38 -2.82
N ILE A 8 -3.70 3.13 -2.38
CA ILE A 8 -4.92 2.52 -1.86
C ILE A 8 -4.67 1.82 -0.53
N ARG A 9 -5.69 1.78 0.31
CA ARG A 9 -5.59 1.14 1.61
C ARG A 9 -4.99 -0.26 1.48
N CYS A 10 -3.80 -0.46 2.03
CA CYS A 10 -3.14 -1.75 1.97
C CYS A 10 -2.79 -2.25 3.37
N ASP A 11 -3.54 -1.76 4.36
CA ASP A 11 -3.32 -2.16 5.75
C ASP A 11 -3.30 -3.68 5.87
N ASP A 12 -4.27 -4.33 5.24
CA ASP A 12 -4.36 -5.79 5.28
C ASP A 12 -4.02 -6.40 3.92
N ILE A 13 -4.46 -5.75 2.86
CA ILE A 13 -4.20 -6.22 1.50
C ILE A 13 -2.90 -5.63 0.95
N HIS A 14 -2.23 -6.39 0.11
CA HIS A 14 -0.98 -5.95 -0.49
C HIS A 14 -1.24 -5.21 -1.81
N CYS A 15 -0.32 -4.31 -2.17
CA CYS A 15 -0.46 -3.54 -3.40
C CYS A 15 -0.21 -4.42 -4.63
N CYS A 16 -0.57 -3.91 -5.80
CA CYS A 16 -0.40 -4.65 -7.04
C CYS A 16 1.08 -4.69 -7.45
N THR A 17 1.40 -5.53 -8.43
CA THR A 17 2.77 -5.66 -8.90
C THR A 17 3.28 -4.34 -9.45
N GLY A 18 4.03 -3.61 -8.63
CA GLY A 18 4.56 -2.32 -9.05
C GLY A 18 4.45 -1.27 -7.98
N LEU A 19 3.57 -1.50 -7.01
CA LEU A 19 3.38 -0.55 -5.92
C LEU A 19 3.79 -1.17 -4.59
N LYS A 20 4.18 -0.32 -3.64
CA LYS A 20 4.59 -0.78 -2.32
C LYS A 20 3.77 -0.10 -1.23
N CYS A 21 3.46 -0.86 -0.18
CA CYS A 21 2.68 -0.34 0.94
C CYS A 21 3.52 0.58 1.81
N LYS A 22 3.46 1.88 1.53
CA LYS A 22 4.21 2.87 2.29
C LYS A 22 3.40 3.37 3.49
N CYS A 23 3.81 2.97 4.68
CA CYS A 23 3.13 3.38 5.90
C CYS A 23 4.12 3.93 6.92
N ASN A 24 3.69 4.94 7.67
CA ASN A 24 4.55 5.56 8.68
C ASN A 24 4.76 4.62 9.85
N ALA A 25 5.64 5.03 10.78
CA ALA A 25 5.93 4.22 11.96
C ALA A 25 4.85 4.37 13.02
N SER A 26 4.13 5.49 12.96
CA SER A 26 3.06 5.76 13.92
C SER A 26 1.89 4.83 13.70
N GLY A 27 1.74 4.34 12.47
CA GLY A 27 0.64 3.45 12.15
C GLY A 27 -0.39 4.10 11.24
N TYR A 28 0.01 5.16 10.56
CA TYR A 28 -0.89 5.87 9.66
C TYR A 28 -0.23 6.11 8.31
N ASN A 29 -0.92 6.84 7.44
CA ASN A 29 -0.40 7.14 6.10
C ASN A 29 -0.03 5.86 5.36
N CYS A 30 -0.68 4.76 5.72
CA CYS A 30 -0.42 3.47 5.09
C CYS A 30 -1.10 3.39 3.73
N VAL A 31 -0.41 3.85 2.70
CA VAL A 31 -0.95 3.82 1.35
C VAL A 31 0.08 3.28 0.35
N CYS A 32 -0.41 2.80 -0.79
CA CYS A 32 0.47 2.26 -1.82
C CYS A 32 1.17 3.38 -2.58
N ARG A 33 2.39 3.08 -3.05
CA ARG A 33 3.17 4.07 -3.79
C ARG A 33 4.06 3.38 -4.82
N LYS A 34 4.37 4.09 -5.90
CA LYS A 34 5.21 3.55 -6.95
C LYS A 34 6.69 3.64 -6.58
N LYS A 35 7.05 3.04 -5.44
CA LYS A 35 8.42 3.06 -4.97
C LYS A 35 8.97 4.48 -4.93
N GLY A 1 -8.20 -11.43 -2.01
CA GLY A 1 -7.54 -12.07 -3.12
C GLY A 1 -6.97 -11.08 -4.12
N TYR A 2 -7.68 -9.97 -4.32
CA TYR A 2 -7.24 -8.94 -5.25
C TYR A 2 -6.06 -8.17 -4.68
N CYS A 3 -5.70 -7.08 -5.36
CA CYS A 3 -4.57 -6.25 -4.93
C CYS A 3 -4.97 -4.77 -4.92
N ALA A 4 -4.17 -3.96 -4.24
CA ALA A 4 -4.43 -2.53 -4.15
C ALA A 4 -3.81 -1.78 -5.33
N GLU A 5 -4.45 -0.69 -5.73
CA GLU A 5 -3.96 0.11 -6.86
C GLU A 5 -2.94 1.15 -6.38
N LYS A 6 -2.59 2.08 -7.27
CA LYS A 6 -1.64 3.13 -6.94
C LYS A 6 -2.18 4.02 -5.82
N GLY A 7 -1.60 3.90 -4.64
CA GLY A 7 -2.03 4.71 -3.51
C GLY A 7 -3.38 4.27 -2.98
N ILE A 8 -3.46 3.03 -2.52
CA ILE A 8 -4.71 2.50 -1.98
C ILE A 8 -4.48 1.81 -0.64
N ARG A 9 -5.50 1.82 0.20
CA ARG A 9 -5.41 1.19 1.52
C ARG A 9 -4.89 -0.24 1.40
N CYS A 10 -3.70 -0.48 1.93
CA CYS A 10 -3.09 -1.81 1.89
C CYS A 10 -2.77 -2.31 3.29
N ASP A 11 -3.48 -1.78 4.28
CA ASP A 11 -3.27 -2.17 5.67
C ASP A 11 -3.32 -3.69 5.81
N ASP A 12 -4.33 -4.31 5.21
CA ASP A 12 -4.48 -5.76 5.27
C ASP A 12 -4.20 -6.39 3.91
N ILE A 13 -4.61 -5.72 2.85
CA ILE A 13 -4.40 -6.21 1.50
C ILE A 13 -3.09 -5.69 0.92
N HIS A 14 -2.46 -6.51 0.07
CA HIS A 14 -1.20 -6.14 -0.56
C HIS A 14 -1.44 -5.40 -1.87
N CYS A 15 -0.49 -4.57 -2.26
CA CYS A 15 -0.59 -3.80 -3.50
C CYS A 15 -0.41 -4.71 -4.72
N CYS A 16 -0.75 -4.19 -5.90
CA CYS A 16 -0.61 -4.95 -7.12
C CYS A 16 0.84 -5.09 -7.54
N THR A 17 1.11 -5.96 -8.50
CA THR A 17 2.47 -6.20 -8.97
C THR A 17 3.07 -4.92 -9.53
N GLY A 18 3.87 -4.23 -8.71
CA GLY A 18 4.50 -3.01 -9.15
C GLY A 18 4.44 -1.93 -8.09
N LEU A 19 3.50 -2.06 -7.16
CA LEU A 19 3.35 -1.08 -6.09
C LEU A 19 3.73 -1.68 -4.74
N LYS A 20 4.23 -0.83 -3.84
CA LYS A 20 4.64 -1.28 -2.51
C LYS A 20 3.85 -0.56 -1.43
N CYS A 21 3.53 -1.27 -0.36
CA CYS A 21 2.77 -0.69 0.74
C CYS A 21 3.67 0.19 1.61
N LYS A 22 3.67 1.49 1.33
CA LYS A 22 4.48 2.44 2.07
C LYS A 22 3.70 3.00 3.27
N CYS A 23 4.11 2.59 4.47
CA CYS A 23 3.46 3.05 5.69
C CYS A 23 4.48 3.57 6.69
N ASN A 24 4.11 4.60 7.43
CA ASN A 24 5.00 5.20 8.43
C ASN A 24 5.18 4.25 9.62
N ALA A 25 6.08 4.62 10.53
CA ALA A 25 6.35 3.82 11.71
C ALA A 25 5.29 4.03 12.78
N SER A 26 4.61 5.18 12.72
CA SER A 26 3.57 5.51 13.68
C SER A 26 2.35 4.63 13.48
N GLY A 27 2.16 4.15 12.25
CA GLY A 27 1.03 3.29 11.96
C GLY A 27 0.02 3.97 11.05
N TYR A 28 0.45 5.02 10.35
CA TYR A 28 -0.42 5.75 9.45
C TYR A 28 0.25 5.95 8.09
N ASN A 29 -0.42 6.69 7.22
CA ASN A 29 0.11 6.97 5.88
C ASN A 29 0.41 5.66 5.15
N CYS A 30 -0.28 4.59 5.53
CA CYS A 30 -0.09 3.29 4.91
C CYS A 30 -0.79 3.22 3.55
N VAL A 31 -0.10 3.65 2.51
CA VAL A 31 -0.65 3.64 1.16
C VAL A 31 0.33 3.03 0.17
N CYS A 32 -0.18 2.57 -0.97
CA CYS A 32 0.65 1.97 -2.00
C CYS A 32 1.41 3.03 -2.78
N ARG A 33 2.59 2.67 -3.27
CA ARG A 33 3.42 3.60 -4.04
C ARG A 33 4.26 2.86 -5.07
N LYS A 34 4.58 3.54 -6.17
CA LYS A 34 5.37 2.94 -7.24
C LYS A 34 6.85 2.96 -6.88
N LYS A 35 7.19 2.36 -5.75
CA LYS A 35 8.58 2.30 -5.30
C LYS A 35 8.90 0.94 -4.70
N GLY A 1 -7.79 -11.62 -2.31
CA GLY A 1 -7.04 -12.19 -3.42
C GLY A 1 -6.51 -11.13 -4.36
N TYR A 2 -7.25 -10.05 -4.52
CA TYR A 2 -6.85 -8.95 -5.41
C TYR A 2 -5.72 -8.15 -4.78
N CYS A 3 -5.39 -7.02 -5.41
CA CYS A 3 -4.33 -6.16 -4.92
C CYS A 3 -4.80 -4.70 -4.85
N ALA A 4 -4.01 -3.86 -4.19
CA ALA A 4 -4.34 -2.45 -4.06
C ALA A 4 -3.73 -1.63 -5.19
N GLU A 5 -4.46 -0.62 -5.64
CA GLU A 5 -3.99 0.23 -6.73
C GLU A 5 -3.03 1.30 -6.20
N LYS A 6 -2.71 2.26 -7.06
CA LYS A 6 -1.80 3.34 -6.69
C LYS A 6 -2.39 4.18 -5.56
N GLY A 7 -1.82 4.05 -4.37
CA GLY A 7 -2.31 4.80 -3.22
C GLY A 7 -3.64 4.30 -2.72
N ILE A 8 -3.68 3.05 -2.27
CA ILE A 8 -4.91 2.45 -1.77
C ILE A 8 -4.68 1.75 -0.44
N ARG A 9 -5.71 1.72 0.39
CA ARG A 9 -5.62 1.08 1.70
C ARG A 9 -5.04 -0.33 1.57
N CYS A 10 -3.83 -0.52 2.09
CA CYS A 10 -3.16 -1.82 2.03
C CYS A 10 -2.89 -2.33 3.44
N ASP A 11 -3.69 -1.89 4.40
CA ASP A 11 -3.52 -2.32 5.79
C ASP A 11 -3.48 -3.84 5.89
N ASP A 12 -4.43 -4.50 5.23
CA ASP A 12 -4.49 -5.95 5.25
C ASP A 12 -4.14 -6.52 3.88
N ILE A 13 -4.57 -5.84 2.83
CA ILE A 13 -4.29 -6.28 1.46
C ILE A 13 -2.99 -5.68 0.95
N HIS A 14 -2.30 -6.42 0.09
CA HIS A 14 -1.04 -5.97 -0.48
C HIS A 14 -1.28 -5.21 -1.79
N CYS A 15 -0.34 -4.34 -2.13
CA CYS A 15 -0.46 -3.55 -3.37
C CYS A 15 -0.25 -4.42 -4.59
N CYS A 16 -0.57 -3.88 -5.76
CA CYS A 16 -0.41 -4.61 -7.01
C CYS A 16 1.06 -4.66 -7.44
N THR A 17 1.34 -5.47 -8.45
CA THR A 17 2.71 -5.61 -8.95
C THR A 17 3.25 -4.28 -9.46
N GLY A 18 4.04 -3.61 -8.62
CA GLY A 18 4.60 -2.34 -8.99
C GLY A 18 4.49 -1.30 -7.90
N LEU A 19 3.57 -1.53 -6.97
CA LEU A 19 3.36 -0.61 -5.85
C LEU A 19 3.77 -1.24 -4.53
N LYS A 20 4.11 -0.41 -3.56
CA LYS A 20 4.52 -0.89 -2.25
C LYS A 20 3.73 -0.19 -1.14
N CYS A 21 3.41 -0.94 -0.10
CA CYS A 21 2.66 -0.40 1.03
C CYS A 21 3.54 0.49 1.90
N LYS A 22 3.51 1.80 1.62
CA LYS A 22 4.31 2.76 2.38
C LYS A 22 3.52 3.28 3.59
N CYS A 23 4.15 3.22 4.76
CA CYS A 23 3.51 3.68 5.99
C CYS A 23 4.49 4.49 6.83
N ASN A 24 3.97 5.48 7.56
CA ASN A 24 4.81 6.32 8.41
C ASN A 24 5.32 5.53 9.61
N ALA A 25 6.18 6.18 10.40
CA ALA A 25 6.74 5.54 11.59
C ALA A 25 5.74 5.56 12.75
N SER A 26 4.86 6.55 12.75
CA SER A 26 3.86 6.68 13.80
C SER A 26 2.82 5.57 13.70
N GLY A 27 2.63 5.06 12.49
CA GLY A 27 1.66 4.00 12.28
C GLY A 27 0.43 4.48 11.53
N TYR A 28 0.63 5.42 10.62
CA TYR A 28 -0.47 5.96 9.82
C TYR A 28 -0.02 6.24 8.39
N ASN A 29 -0.92 6.82 7.60
CA ASN A 29 -0.63 7.14 6.21
C ASN A 29 -0.27 5.88 5.43
N CYS A 30 -0.83 4.75 5.85
CA CYS A 30 -0.58 3.47 5.19
C CYS A 30 -1.23 3.44 3.82
N VAL A 31 -0.47 3.78 2.79
CA VAL A 31 -0.97 3.78 1.42
C VAL A 31 0.06 3.21 0.45
N CYS A 32 -0.40 2.78 -0.71
CA CYS A 32 0.48 2.22 -1.73
C CYS A 32 1.20 3.32 -2.49
N ARG A 33 2.41 3.01 -2.95
CA ARG A 33 3.21 3.97 -3.70
C ARG A 33 4.10 3.27 -4.73
N LYS A 34 4.38 3.96 -5.82
CA LYS A 34 5.22 3.40 -6.88
C LYS A 34 6.69 3.51 -6.52
N LYS A 35 7.07 2.93 -5.38
CA LYS A 35 8.45 2.97 -4.92
C LYS A 35 8.94 4.40 -4.76
N GLY A 1 -6.67 -10.55 -9.59
CA GLY A 1 -6.92 -10.61 -8.15
C GLY A 1 -7.11 -9.24 -7.54
N TYR A 2 -7.79 -9.20 -6.40
CA TYR A 2 -8.05 -7.94 -5.71
C TYR A 2 -6.83 -7.49 -4.92
N CYS A 3 -6.11 -6.50 -5.44
CA CYS A 3 -4.93 -5.98 -4.78
C CYS A 3 -5.01 -4.47 -4.63
N ALA A 4 -4.26 -3.93 -3.66
CA ALA A 4 -4.25 -2.49 -3.42
C ALA A 4 -3.54 -1.75 -4.55
N GLU A 5 -4.31 -0.98 -5.31
CA GLU A 5 -3.75 -0.22 -6.44
C GLU A 5 -2.86 0.91 -5.93
N LYS A 6 -2.53 1.84 -6.83
CA LYS A 6 -1.68 2.98 -6.47
C LYS A 6 -2.34 3.83 -5.39
N GLY A 7 -1.57 4.17 -4.36
CA GLY A 7 -2.09 4.97 -3.28
C GLY A 7 -3.37 4.42 -2.71
N ILE A 8 -3.33 3.19 -2.21
CA ILE A 8 -4.50 2.55 -1.64
C ILE A 8 -4.19 1.96 -0.26
N ARG A 9 -5.21 1.89 0.59
CA ARG A 9 -5.04 1.35 1.93
C ARG A 9 -4.45 -0.05 1.88
N CYS A 10 -3.21 -0.18 2.36
CA CYS A 10 -2.53 -1.47 2.38
C CYS A 10 -2.40 -1.99 3.80
N ASP A 11 -3.37 -1.66 4.64
CA ASP A 11 -3.37 -2.11 6.03
C ASP A 11 -3.59 -3.61 6.12
N ASP A 12 -4.50 -4.12 5.30
CA ASP A 12 -4.82 -5.55 5.28
C ASP A 12 -4.33 -6.19 4.00
N ILE A 13 -4.69 -5.59 2.87
CA ILE A 13 -4.29 -6.11 1.56
C ILE A 13 -2.97 -5.50 1.11
N HIS A 14 -2.20 -6.27 0.34
CA HIS A 14 -0.91 -5.80 -0.16
C HIS A 14 -1.08 -5.08 -1.50
N CYS A 15 -0.10 -4.25 -1.85
CA CYS A 15 -0.14 -3.50 -3.08
C CYS A 15 0.13 -4.41 -4.29
N CYS A 16 -0.52 -4.11 -5.41
CA CYS A 16 -0.35 -4.89 -6.62
C CYS A 16 1.12 -4.95 -7.04
N THR A 17 1.45 -5.95 -7.85
CA THR A 17 2.82 -6.12 -8.32
C THR A 17 3.32 -4.85 -9.00
N GLY A 18 4.13 -4.09 -8.28
CA GLY A 18 4.67 -2.85 -8.83
C GLY A 18 4.66 -1.72 -7.82
N LEU A 19 3.71 -1.75 -6.90
CA LEU A 19 3.59 -0.72 -5.88
C LEU A 19 4.08 -1.23 -4.53
N LYS A 20 4.49 -0.30 -3.66
CA LYS A 20 4.98 -0.66 -2.34
C LYS A 20 4.13 0.00 -1.26
N CYS A 21 3.91 -0.73 -0.16
CA CYS A 21 3.12 -0.22 0.95
C CYS A 21 3.93 0.77 1.79
N LYS A 22 3.71 2.06 1.56
CA LYS A 22 4.41 3.10 2.30
C LYS A 22 3.59 3.57 3.49
N CYS A 23 3.98 3.11 4.68
CA CYS A 23 3.28 3.48 5.91
C CYS A 23 4.25 4.03 6.94
N ASN A 24 3.80 5.00 7.72
CA ASN A 24 4.64 5.62 8.76
C ASN A 24 4.87 4.63 9.91
N ALA A 25 5.72 5.03 10.84
CA ALA A 25 6.04 4.19 11.99
C ALA A 25 4.95 4.29 13.05
N SER A 26 4.21 5.40 13.04
CA SER A 26 3.14 5.62 14.00
C SER A 26 1.96 4.68 13.73
N GLY A 27 1.84 4.24 12.47
CA GLY A 27 0.76 3.35 12.10
C GLY A 27 -0.27 4.03 11.23
N TYR A 28 0.12 5.13 10.58
CA TYR A 28 -0.78 5.86 9.71
C TYR A 28 -0.13 6.14 8.36
N ASN A 29 -0.83 6.90 7.52
CA ASN A 29 -0.32 7.24 6.20
C ASN A 29 0.11 5.98 5.44
N CYS A 30 -0.55 4.87 5.73
CA CYS A 30 -0.25 3.60 5.08
C CYS A 30 -0.89 3.53 3.69
N VAL A 31 -0.19 4.05 2.70
CA VAL A 31 -0.69 4.05 1.32
C VAL A 31 0.34 3.47 0.36
N CYS A 32 -0.14 2.95 -0.76
CA CYS A 32 0.74 2.36 -1.77
C CYS A 32 1.42 3.45 -2.60
N ARG A 33 2.60 3.14 -3.11
CA ARG A 33 3.35 4.09 -3.92
C ARG A 33 4.18 3.36 -4.98
N LYS A 34 4.42 4.03 -6.10
CA LYS A 34 5.20 3.45 -7.18
C LYS A 34 6.70 3.57 -6.89
N LYS A 35 7.12 3.01 -5.76
CA LYS A 35 8.53 3.05 -5.38
C LYS A 35 9.05 4.48 -5.35
N GLY A 1 -6.03 -10.69 -9.31
CA GLY A 1 -6.89 -10.69 -8.15
C GLY A 1 -7.07 -9.29 -7.57
N TYR A 2 -7.77 -9.21 -6.44
CA TYR A 2 -8.01 -7.93 -5.78
C TYR A 2 -6.81 -7.51 -4.96
N CYS A 3 -6.07 -6.52 -5.46
CA CYS A 3 -4.90 -6.01 -4.77
C CYS A 3 -4.95 -4.49 -4.63
N ALA A 4 -4.22 -3.97 -3.65
CA ALA A 4 -4.18 -2.54 -3.40
C ALA A 4 -3.47 -1.80 -4.53
N GLU A 5 -4.23 -1.03 -5.32
CA GLU A 5 -3.66 -0.28 -6.42
C GLU A 5 -2.79 0.87 -5.92
N LYS A 6 -2.46 1.78 -6.81
CA LYS A 6 -1.62 2.92 -6.46
C LYS A 6 -2.30 3.79 -5.41
N GLY A 7 -1.54 4.17 -4.38
CA GLY A 7 -2.09 4.99 -3.31
C GLY A 7 -3.36 4.40 -2.72
N ILE A 8 -3.26 3.18 -2.19
CA ILE A 8 -4.40 2.51 -1.59
C ILE A 8 -4.05 1.95 -0.22
N ARG A 9 -5.05 1.88 0.65
CA ARG A 9 -4.85 1.36 2.01
C ARG A 9 -4.27 -0.05 1.96
N CYS A 10 -3.07 -0.20 2.52
CA CYS A 10 -2.40 -1.50 2.55
C CYS A 10 -2.34 -2.05 3.97
N ASP A 11 -3.33 -1.70 4.78
CA ASP A 11 -3.39 -2.15 6.17
C ASP A 11 -3.23 -3.67 6.24
N ASP A 12 -4.16 -4.39 5.63
CA ASP A 12 -4.13 -5.85 5.62
C ASP A 12 -3.78 -6.38 4.23
N ILE A 13 -4.25 -5.67 3.21
CA ILE A 13 -3.99 -6.08 1.82
C ILE A 13 -2.66 -5.52 1.33
N HIS A 14 -2.03 -6.23 0.40
CA HIS A 14 -0.75 -5.81 -0.16
C HIS A 14 -0.96 -5.05 -1.47
N CYS A 15 0.06 -4.32 -1.89
CA CYS A 15 -0.01 -3.53 -3.12
C CYS A 15 0.23 -4.43 -4.33
N CYS A 16 -0.44 -4.11 -5.44
CA CYS A 16 -0.29 -4.88 -6.67
C CYS A 16 1.16 -4.92 -7.12
N THR A 17 1.48 -5.87 -7.98
CA THR A 17 2.85 -6.01 -8.49
C THR A 17 3.32 -4.72 -9.16
N GLY A 18 4.11 -3.95 -8.43
CA GLY A 18 4.62 -2.69 -8.96
C GLY A 18 4.60 -1.57 -7.93
N LEU A 19 3.79 -1.74 -6.90
CA LEU A 19 3.67 -0.73 -5.84
C LEU A 19 4.15 -1.29 -4.51
N LYS A 20 4.50 -0.40 -3.59
CA LYS A 20 4.97 -0.80 -2.27
C LYS A 20 4.15 -0.12 -1.17
N CYS A 21 3.91 -0.85 -0.09
CA CYS A 21 3.14 -0.32 1.03
C CYS A 21 3.96 0.69 1.82
N LYS A 22 3.71 1.97 1.57
CA LYS A 22 4.42 3.04 2.25
C LYS A 22 3.63 3.53 3.47
N CYS A 23 4.05 3.09 4.65
CA CYS A 23 3.39 3.48 5.89
C CYS A 23 4.38 4.06 6.88
N ASN A 24 3.95 5.05 7.66
CA ASN A 24 4.80 5.69 8.65
C ASN A 24 5.10 4.75 9.80
N ALA A 25 5.97 5.17 10.70
CA ALA A 25 6.34 4.37 11.86
C ALA A 25 5.29 4.47 12.96
N SER A 26 4.53 5.57 12.95
CA SER A 26 3.50 5.78 13.94
C SER A 26 2.33 4.83 13.73
N GLY A 27 2.16 4.38 12.50
CA GLY A 27 1.08 3.46 12.18
C GLY A 27 0.01 4.09 11.33
N TYR A 28 0.37 5.17 10.64
CA TYR A 28 -0.58 5.88 9.78
C TYR A 28 0.01 6.13 8.40
N ASN A 29 -0.73 6.85 7.57
CA ASN A 29 -0.27 7.17 6.21
C ASN A 29 0.17 5.92 5.48
N CYS A 30 -0.47 4.80 5.80
CA CYS A 30 -0.15 3.52 5.17
C CYS A 30 -0.84 3.40 3.81
N VAL A 31 -0.17 3.92 2.78
CA VAL A 31 -0.71 3.87 1.42
C VAL A 31 0.33 3.34 0.45
N CYS A 32 -0.14 2.71 -0.63
CA CYS A 32 0.75 2.15 -1.64
C CYS A 32 1.38 3.27 -2.47
N ARG A 33 2.58 3.00 -2.99
CA ARG A 33 3.30 3.98 -3.79
C ARG A 33 4.18 3.29 -4.83
N LYS A 34 4.47 3.98 -5.92
CA LYS A 34 5.30 3.43 -6.98
C LYS A 34 6.78 3.56 -6.64
N LYS A 35 7.16 3.00 -5.49
CA LYS A 35 8.54 3.04 -5.04
C LYS A 35 9.07 4.48 -5.02
N GLY A 1 -8.37 -11.21 -9.29
CA GLY A 1 -7.18 -10.75 -8.61
C GLY A 1 -7.34 -9.38 -8.00
N TYR A 2 -8.09 -9.31 -6.90
CA TYR A 2 -8.34 -8.05 -6.22
C TYR A 2 -7.16 -7.66 -5.33
N CYS A 3 -6.37 -6.69 -5.79
CA CYS A 3 -5.22 -6.23 -5.04
C CYS A 3 -5.23 -4.71 -4.87
N ALA A 4 -4.50 -4.22 -3.88
CA ALA A 4 -4.44 -2.79 -3.62
C ALA A 4 -3.68 -2.06 -4.72
N GLU A 5 -4.41 -1.27 -5.51
CA GLU A 5 -3.80 -0.52 -6.60
C GLU A 5 -2.92 0.61 -6.06
N LYS A 6 -2.55 1.53 -6.94
CA LYS A 6 -1.71 2.65 -6.57
C LYS A 6 -2.38 3.51 -5.51
N GLY A 7 -1.64 3.87 -4.46
CA GLY A 7 -2.19 4.69 -3.40
C GLY A 7 -3.47 4.11 -2.83
N ILE A 8 -3.40 2.88 -2.32
CA ILE A 8 -4.56 2.22 -1.75
C ILE A 8 -4.24 1.63 -0.38
N ARG A 9 -5.25 1.56 0.47
CA ARG A 9 -5.07 1.01 1.82
C ARG A 9 -4.41 -0.36 1.76
N CYS A 10 -3.19 -0.45 2.30
CA CYS A 10 -2.45 -1.70 2.32
C CYS A 10 -2.29 -2.23 3.74
N ASP A 11 -3.14 -1.75 4.64
CA ASP A 11 -3.09 -2.17 6.03
C ASP A 11 -3.37 -3.67 6.16
N ASP A 12 -4.36 -4.15 5.41
CA ASP A 12 -4.72 -5.56 5.44
C ASP A 12 -4.34 -6.24 4.13
N ILE A 13 -4.75 -5.64 3.01
CA ILE A 13 -4.46 -6.19 1.70
C ILE A 13 -3.10 -5.72 1.20
N HIS A 14 -2.50 -6.49 0.30
CA HIS A 14 -1.21 -6.15 -0.26
C HIS A 14 -1.36 -5.38 -1.56
N CYS A 15 -0.33 -4.63 -1.93
CA CYS A 15 -0.35 -3.84 -3.15
C CYS A 15 -0.06 -4.70 -4.37
N CYS A 16 -0.67 -4.36 -5.50
CA CYS A 16 -0.48 -5.10 -6.73
C CYS A 16 0.99 -5.10 -7.15
N THR A 17 1.39 -6.13 -7.89
CA THR A 17 2.77 -6.24 -8.36
C THR A 17 3.23 -4.97 -9.05
N GLY A 18 4.08 -4.20 -8.37
CA GLY A 18 4.58 -2.96 -8.94
C GLY A 18 4.56 -1.82 -7.95
N LEU A 19 3.70 -1.93 -6.94
CA LEU A 19 3.58 -0.89 -5.92
C LEU A 19 4.09 -1.40 -4.57
N LYS A 20 4.45 -0.47 -3.69
CA LYS A 20 4.94 -0.82 -2.37
C LYS A 20 4.12 -0.11 -1.28
N CYS A 21 3.93 -0.81 -0.16
CA CYS A 21 3.16 -0.25 0.96
C CYS A 21 4.00 0.76 1.73
N LYS A 22 3.78 2.04 1.46
CA LYS A 22 4.51 3.10 2.13
C LYS A 22 3.77 3.54 3.40
N CYS A 23 4.33 3.19 4.55
CA CYS A 23 3.74 3.55 5.83
C CYS A 23 4.78 4.14 6.77
N ASN A 24 4.34 5.06 7.62
CA ASN A 24 5.26 5.70 8.57
C ASN A 24 5.59 4.76 9.71
N ALA A 25 6.36 5.26 10.68
CA ALA A 25 6.76 4.45 11.84
C ALA A 25 5.64 4.38 12.87
N SER A 26 4.85 5.45 12.94
CA SER A 26 3.74 5.50 13.90
C SER A 26 2.63 4.54 13.51
N GLY A 27 2.58 4.20 12.23
CA GLY A 27 1.55 3.29 11.74
C GLY A 27 0.45 3.99 10.99
N TYR A 28 0.79 5.09 10.32
CA TYR A 28 -0.18 5.86 9.56
C TYR A 28 0.31 6.12 8.15
N ASN A 29 -0.50 6.83 7.36
CA ASN A 29 -0.15 7.14 5.98
C ASN A 29 0.29 5.89 5.22
N CYS A 30 -0.25 4.74 5.63
CA CYS A 30 0.08 3.47 4.99
C CYS A 30 -0.66 3.32 3.67
N VAL A 31 -0.05 3.81 2.60
CA VAL A 31 -0.65 3.73 1.27
C VAL A 31 0.35 3.19 0.25
N CYS A 32 -0.18 2.62 -0.83
CA CYS A 32 0.66 2.06 -1.88
C CYS A 32 1.32 3.17 -2.70
N ARG A 33 2.52 2.89 -3.21
CA ARG A 33 3.25 3.86 -4.01
C ARG A 33 4.13 3.17 -5.05
N LYS A 34 4.40 3.85 -6.14
CA LYS A 34 5.23 3.31 -7.21
C LYS A 34 6.72 3.43 -6.87
N LYS A 35 7.09 2.86 -5.72
CA LYS A 35 8.48 2.90 -5.28
C LYS A 35 9.18 1.56 -5.54
N GLY A 1 -5.38 -10.62 -8.83
CA GLY A 1 -6.62 -10.62 -8.07
C GLY A 1 -6.93 -9.28 -7.44
N TYR A 2 -7.65 -9.30 -6.34
CA TYR A 2 -8.02 -8.07 -5.64
C TYR A 2 -6.86 -7.57 -4.77
N CYS A 3 -6.17 -6.55 -5.26
CA CYS A 3 -5.05 -5.98 -4.53
C CYS A 3 -5.18 -4.47 -4.43
N ALA A 4 -4.38 -3.87 -3.54
CA ALA A 4 -4.42 -2.42 -3.35
C ALA A 4 -3.85 -1.69 -4.55
N GLU A 5 -4.69 -0.89 -5.21
CA GLU A 5 -4.29 -0.14 -6.38
C GLU A 5 -3.32 0.99 -6.00
N LYS A 6 -3.06 1.88 -6.95
CA LYS A 6 -2.15 3.01 -6.70
C LYS A 6 -2.66 3.86 -5.54
N GLY A 7 -1.97 3.76 -4.41
CA GLY A 7 -2.37 4.53 -3.24
C GLY A 7 -3.67 4.05 -2.63
N ILE A 8 -3.67 2.81 -2.15
CA ILE A 8 -4.86 2.24 -1.53
C ILE A 8 -4.53 1.59 -0.19
N ARG A 9 -5.51 1.58 0.71
CA ARG A 9 -5.31 0.99 2.03
C ARG A 9 -4.71 -0.42 1.92
N CYS A 10 -3.47 -0.55 2.34
CA CYS A 10 -2.78 -1.84 2.29
C CYS A 10 -2.51 -2.37 3.69
N ASP A 11 -3.22 -1.82 4.67
CA ASP A 11 -3.06 -2.24 6.06
C ASP A 11 -3.18 -3.76 6.19
N ASP A 12 -4.18 -4.32 5.54
CA ASP A 12 -4.39 -5.76 5.57
C ASP A 12 -4.09 -6.40 4.22
N ILE A 13 -4.34 -5.66 3.15
CA ILE A 13 -4.10 -6.14 1.80
C ILE A 13 -2.75 -5.66 1.28
N HIS A 14 -2.17 -6.40 0.34
CA HIS A 14 -0.88 -6.05 -0.24
C HIS A 14 -1.07 -5.15 -1.47
N CYS A 15 -0.02 -4.45 -1.83
CA CYS A 15 -0.05 -3.55 -2.99
C CYS A 15 0.11 -4.34 -4.28
N CYS A 16 -0.55 -3.87 -5.34
CA CYS A 16 -0.47 -4.51 -6.65
C CYS A 16 0.94 -4.43 -7.21
N THR A 17 1.26 -5.35 -8.13
CA THR A 17 2.57 -5.38 -8.74
C THR A 17 2.96 -4.01 -9.30
N GLY A 18 3.88 -3.34 -8.61
CA GLY A 18 4.31 -2.03 -9.04
C GLY A 18 4.22 -0.99 -7.95
N LEU A 19 3.62 -1.37 -6.83
CA LEU A 19 3.45 -0.46 -5.69
C LEU A 19 3.87 -1.14 -4.39
N LYS A 20 4.26 -0.33 -3.41
CA LYS A 20 4.68 -0.85 -2.12
C LYS A 20 3.90 -0.17 -0.99
N CYS A 21 3.67 -0.92 0.09
CA CYS A 21 2.94 -0.39 1.23
C CYS A 21 3.80 0.60 2.01
N LYS A 22 3.67 1.88 1.67
CA LYS A 22 4.43 2.94 2.33
C LYS A 22 3.67 3.47 3.54
N CYS A 23 4.08 3.05 4.73
CA CYS A 23 3.43 3.50 5.95
C CYS A 23 4.46 4.02 6.95
N ASN A 24 4.08 5.02 7.73
CA ASN A 24 4.96 5.62 8.72
C ASN A 24 5.12 4.69 9.93
N ALA A 25 5.99 5.08 10.85
CA ALA A 25 6.24 4.30 12.05
C ALA A 25 5.13 4.52 13.09
N SER A 26 4.45 5.65 12.98
CA SER A 26 3.38 5.99 13.91
C SER A 26 2.17 5.08 13.69
N GLY A 27 1.99 4.63 12.46
CA GLY A 27 0.87 3.76 12.13
C GLY A 27 -0.12 4.41 11.21
N TYR A 28 0.32 5.43 10.48
CA TYR A 28 -0.55 6.14 9.56
C TYR A 28 0.16 6.39 8.23
N ASN A 29 -0.50 7.13 7.34
CA ASN A 29 0.06 7.44 6.03
C ASN A 29 0.38 6.17 5.25
N CYS A 30 -0.35 5.10 5.56
CA CYS A 30 -0.14 3.81 4.90
C CYS A 30 -0.84 3.79 3.55
N VAL A 31 -0.07 4.04 2.49
CA VAL A 31 -0.62 4.05 1.14
C VAL A 31 0.34 3.38 0.15
N CYS A 32 -0.22 2.85 -0.94
CA CYS A 32 0.59 2.18 -1.95
C CYS A 32 1.25 3.20 -2.88
N ARG A 33 2.58 3.16 -2.93
CA ARG A 33 3.33 4.07 -3.78
C ARG A 33 4.40 3.33 -4.57
N LYS A 34 4.84 3.93 -5.68
CA LYS A 34 5.86 3.33 -6.52
C LYS A 34 7.24 3.45 -5.89
N LYS A 35 7.42 2.79 -4.75
CA LYS A 35 8.70 2.83 -4.05
C LYS A 35 9.10 4.26 -3.72
N GLY A 1 -7.96 -10.93 -9.13
CA GLY A 1 -7.15 -10.71 -7.94
C GLY A 1 -7.40 -9.34 -7.33
N TYR A 2 -8.10 -9.33 -6.20
CA TYR A 2 -8.41 -8.09 -5.50
C TYR A 2 -7.22 -7.62 -4.67
N CYS A 3 -6.50 -6.62 -5.18
CA CYS A 3 -5.34 -6.08 -4.49
C CYS A 3 -5.43 -4.55 -4.40
N ALA A 4 -4.59 -3.97 -3.55
CA ALA A 4 -4.57 -2.53 -3.36
C ALA A 4 -4.03 -1.82 -4.60
N GLU A 5 -4.87 -1.01 -5.24
CA GLU A 5 -4.47 -0.28 -6.43
C GLU A 5 -3.46 0.82 -6.08
N LYS A 6 -3.21 1.70 -7.04
CA LYS A 6 -2.27 2.79 -6.84
C LYS A 6 -2.70 3.68 -5.68
N GLY A 7 -1.99 3.56 -4.56
CA GLY A 7 -2.32 4.37 -3.39
C GLY A 7 -3.61 3.93 -2.74
N ILE A 8 -3.64 2.70 -2.24
CA ILE A 8 -4.82 2.16 -1.59
C ILE A 8 -4.47 1.51 -0.25
N ARG A 9 -5.42 1.53 0.68
CA ARG A 9 -5.21 0.95 2.00
C ARG A 9 -4.65 -0.47 1.88
N CYS A 10 -3.39 -0.65 2.26
CA CYS A 10 -2.74 -1.94 2.20
C CYS A 10 -2.44 -2.47 3.60
N ASP A 11 -3.10 -1.89 4.60
CA ASP A 11 -2.90 -2.31 5.99
C ASP A 11 -3.05 -3.82 6.13
N ASP A 12 -4.10 -4.36 5.52
CA ASP A 12 -4.35 -5.80 5.58
C ASP A 12 -4.10 -6.46 4.22
N ILE A 13 -4.37 -5.70 3.15
CA ILE A 13 -4.18 -6.21 1.80
C ILE A 13 -2.84 -5.77 1.23
N HIS A 14 -2.32 -6.54 0.28
CA HIS A 14 -1.04 -6.23 -0.35
C HIS A 14 -1.24 -5.34 -1.57
N CYS A 15 -0.18 -4.66 -1.99
CA CYS A 15 -0.23 -3.78 -3.13
C CYS A 15 -0.12 -4.57 -4.44
N CYS A 16 -0.81 -4.10 -5.47
CA CYS A 16 -0.79 -4.76 -6.77
C CYS A 16 0.61 -4.73 -7.38
N THR A 17 0.88 -5.65 -8.30
CA THR A 17 2.18 -5.73 -8.96
C THR A 17 2.58 -4.38 -9.53
N GLY A 18 3.56 -3.74 -8.89
CA GLY A 18 4.03 -2.44 -9.34
C GLY A 18 3.99 -1.40 -8.25
N LEU A 19 3.39 -1.74 -7.12
CA LEU A 19 3.28 -0.83 -5.99
C LEU A 19 3.70 -1.50 -4.69
N LYS A 20 4.17 -0.70 -3.74
CA LYS A 20 4.60 -1.22 -2.45
C LYS A 20 3.89 -0.51 -1.30
N CYS A 21 3.66 -1.24 -0.20
CA CYS A 21 2.99 -0.68 0.95
C CYS A 21 3.89 0.31 1.69
N LYS A 22 3.79 1.58 1.33
CA LYS A 22 4.60 2.62 1.96
C LYS A 22 3.89 3.20 3.19
N CYS A 23 4.31 2.77 4.36
CA CYS A 23 3.72 3.25 5.61
C CYS A 23 4.80 3.75 6.57
N ASN A 24 4.45 4.76 7.36
CA ASN A 24 5.39 5.33 8.32
C ASN A 24 5.56 4.41 9.53
N ALA A 25 6.45 4.79 10.44
CA ALA A 25 6.70 4.00 11.64
C ALA A 25 5.63 4.25 12.69
N SER A 26 4.97 5.41 12.61
CA SER A 26 3.93 5.77 13.55
C SER A 26 2.69 4.89 13.37
N GLY A 27 2.48 4.44 12.13
CA GLY A 27 1.34 3.59 11.83
C GLY A 27 0.33 4.28 10.93
N TYR A 28 0.79 5.30 10.21
CA TYR A 28 -0.08 6.04 9.30
C TYR A 28 0.60 6.26 7.95
N ASN A 29 -0.06 7.01 7.09
CA ASN A 29 0.48 7.29 5.75
C ASN A 29 0.74 6.00 4.98
N CYS A 30 -0.01 4.96 5.33
CA CYS A 30 0.14 3.66 4.67
C CYS A 30 -0.60 3.64 3.34
N VAL A 31 0.14 3.88 2.25
CA VAL A 31 -0.45 3.89 0.91
C VAL A 31 0.45 3.17 -0.08
N CYS A 32 -0.14 2.65 -1.15
CA CYS A 32 0.60 1.94 -2.18
C CYS A 32 1.27 2.93 -3.14
N ARG A 33 2.59 2.84 -3.24
CA ARG A 33 3.35 3.72 -4.12
C ARG A 33 4.36 2.93 -4.94
N LYS A 34 4.76 3.48 -6.08
CA LYS A 34 5.73 2.84 -6.96
C LYS A 34 7.14 2.96 -6.39
N LYS A 35 7.37 2.33 -5.24
CA LYS A 35 8.68 2.36 -4.60
C LYS A 35 9.70 1.57 -5.39
N GLY A 1 -5.93 -11.69 -7.21
CA GLY A 1 -6.42 -10.73 -8.18
C GLY A 1 -6.77 -9.39 -7.56
N TYR A 2 -7.54 -9.42 -6.48
CA TYR A 2 -7.94 -8.20 -5.80
C TYR A 2 -6.83 -7.70 -4.87
N CYS A 3 -6.11 -6.68 -5.31
CA CYS A 3 -5.03 -6.11 -4.53
C CYS A 3 -5.17 -4.60 -4.42
N ALA A 4 -4.36 -3.99 -3.55
CA ALA A 4 -4.40 -2.55 -3.35
C ALA A 4 -3.88 -1.81 -4.58
N GLU A 5 -4.75 -1.03 -5.21
CA GLU A 5 -4.38 -0.27 -6.40
C GLU A 5 -3.43 0.87 -6.03
N LYS A 6 -3.21 1.78 -6.97
CA LYS A 6 -2.33 2.91 -6.76
C LYS A 6 -2.80 3.76 -5.58
N GLY A 7 -2.08 3.67 -4.47
CA GLY A 7 -2.44 4.44 -3.29
C GLY A 7 -3.72 3.93 -2.64
N ILE A 8 -3.68 2.69 -2.17
CA ILE A 8 -4.85 2.09 -1.52
C ILE A 8 -4.46 1.42 -0.21
N ARG A 9 -5.41 1.37 0.72
CA ARG A 9 -5.18 0.76 2.02
C ARG A 9 -4.55 -0.61 1.87
N CYS A 10 -3.29 -0.74 2.30
CA CYS A 10 -2.57 -2.00 2.21
C CYS A 10 -2.25 -2.55 3.60
N ASP A 11 -2.92 -2.00 4.61
CA ASP A 11 -2.71 -2.43 5.99
C ASP A 11 -2.83 -3.95 6.11
N ASP A 12 -3.83 -4.51 5.44
CA ASP A 12 -4.05 -5.95 5.48
C ASP A 12 -3.73 -6.58 4.12
N ILE A 13 -4.09 -5.87 3.06
CA ILE A 13 -3.84 -6.37 1.70
C ILE A 13 -2.52 -5.82 1.15
N HIS A 14 -1.95 -6.54 0.20
CA HIS A 14 -0.69 -6.14 -0.42
C HIS A 14 -0.94 -5.25 -1.63
N CYS A 15 0.08 -4.50 -2.02
CA CYS A 15 -0.02 -3.60 -3.17
C CYS A 15 0.14 -4.38 -4.48
N CYS A 16 -0.58 -3.93 -5.50
CA CYS A 16 -0.52 -4.57 -6.81
C CYS A 16 0.89 -4.46 -7.41
N THR A 17 1.20 -5.35 -8.34
CA THR A 17 2.50 -5.36 -8.99
C THR A 17 2.85 -3.97 -9.54
N GLY A 18 3.82 -3.32 -8.91
CA GLY A 18 4.22 -1.99 -9.35
C GLY A 18 4.15 -0.97 -8.23
N LEU A 19 3.53 -1.35 -7.13
CA LEU A 19 3.39 -0.46 -5.97
C LEU A 19 3.83 -1.14 -4.69
N LYS A 20 4.25 -0.34 -3.71
CA LYS A 20 4.69 -0.88 -2.42
C LYS A 20 3.95 -0.21 -1.28
N CYS A 21 3.75 -0.95 -0.19
CA CYS A 21 3.06 -0.43 0.98
C CYS A 21 3.93 0.58 1.72
N LYS A 22 3.78 1.85 1.37
CA LYS A 22 4.55 2.91 2.01
C LYS A 22 3.82 3.46 3.23
N CYS A 23 4.24 3.02 4.41
CA CYS A 23 3.63 3.47 5.67
C CYS A 23 4.70 3.99 6.63
N ASN A 24 4.32 5.01 7.40
CA ASN A 24 5.24 5.61 8.36
C ASN A 24 5.44 4.69 9.57
N ALA A 25 6.33 5.10 10.47
CA ALA A 25 6.61 4.31 11.67
C ALA A 25 5.53 4.52 12.73
N SER A 26 4.84 5.64 12.64
CA SER A 26 3.78 5.96 13.60
C SER A 26 2.58 5.04 13.41
N GLY A 27 2.41 4.54 12.19
CA GLY A 27 1.30 3.66 11.89
C GLY A 27 0.26 4.30 11.00
N TYR A 28 0.67 5.36 10.30
CA TYR A 28 -0.24 6.08 9.40
C TYR A 28 0.43 6.33 8.05
N ASN A 29 -0.27 7.05 7.19
CA ASN A 29 0.25 7.38 5.87
C ASN A 29 0.56 6.10 5.08
N CYS A 30 -0.15 5.02 5.40
CA CYS A 30 0.04 3.75 4.73
C CYS A 30 -0.68 3.72 3.39
N VAL A 31 0.04 4.02 2.32
CA VAL A 31 -0.53 4.02 0.97
C VAL A 31 0.40 3.34 -0.02
N CYS A 32 -0.18 2.81 -1.09
CA CYS A 32 0.59 2.13 -2.12
C CYS A 32 1.22 3.14 -3.08
N ARG A 33 2.54 3.10 -3.17
CA ARG A 33 3.27 4.02 -4.05
C ARG A 33 4.32 3.27 -4.87
N LYS A 34 4.64 3.80 -6.04
CA LYS A 34 5.63 3.18 -6.91
C LYS A 34 7.04 3.42 -6.39
N LYS A 35 7.36 2.83 -5.24
CA LYS A 35 8.67 2.99 -4.63
C LYS A 35 9.41 1.65 -4.62
N GLY A 1 -5.11 -10.61 -8.85
CA GLY A 1 -6.53 -10.49 -8.60
C GLY A 1 -6.88 -9.19 -7.88
N TYR A 2 -7.52 -9.31 -6.73
CA TYR A 2 -7.90 -8.14 -5.94
C TYR A 2 -6.72 -7.60 -5.14
N CYS A 3 -6.09 -6.56 -5.68
CA CYS A 3 -4.93 -5.94 -5.02
C CYS A 3 -5.13 -4.43 -4.90
N ALA A 4 -4.42 -3.83 -3.95
CA ALA A 4 -4.51 -2.38 -3.74
C ALA A 4 -3.86 -1.62 -4.87
N GLU A 5 -4.51 -0.54 -5.31
CA GLU A 5 -3.98 0.27 -6.41
C GLU A 5 -2.73 1.03 -5.96
N LYS A 6 -2.33 2.02 -6.76
CA LYS A 6 -1.16 2.83 -6.46
C LYS A 6 -1.49 3.90 -5.42
N GLY A 7 -2.11 3.49 -4.33
CA GLY A 7 -2.46 4.43 -3.28
C GLY A 7 -3.70 4.00 -2.51
N ILE A 8 -3.71 2.76 -2.05
CA ILE A 8 -4.84 2.23 -1.29
C ILE A 8 -4.39 1.59 0.01
N ARG A 9 -5.26 1.59 1.00
CA ARG A 9 -4.94 1.01 2.31
C ARG A 9 -4.37 -0.40 2.14
N CYS A 10 -3.19 -0.61 2.70
CA CYS A 10 -2.52 -1.90 2.63
C CYS A 10 -2.33 -2.50 4.02
N ASP A 11 -3.07 -1.99 4.99
CA ASP A 11 -2.99 -2.47 6.35
C ASP A 11 -3.14 -3.99 6.40
N ASP A 12 -4.16 -4.50 5.72
CA ASP A 12 -4.41 -5.93 5.68
C ASP A 12 -4.11 -6.51 4.30
N ILE A 13 -4.65 -5.87 3.27
CA ILE A 13 -4.44 -6.31 1.90
C ILE A 13 -3.12 -5.80 1.35
N HIS A 14 -2.57 -6.51 0.37
CA HIS A 14 -1.30 -6.12 -0.24
C HIS A 14 -1.54 -5.30 -1.50
N CYS A 15 -0.51 -4.59 -1.94
CA CYS A 15 -0.61 -3.75 -3.14
C CYS A 15 -0.47 -4.59 -4.40
N CYS A 16 -0.79 -4.00 -5.54
CA CYS A 16 -0.70 -4.69 -6.82
C CYS A 16 0.76 -4.87 -7.24
N THR A 17 1.00 -5.83 -8.12
CA THR A 17 2.35 -6.10 -8.60
C THR A 17 2.97 -4.86 -9.23
N GLY A 18 3.95 -4.27 -8.53
CA GLY A 18 4.60 -3.08 -9.02
C GLY A 18 4.61 -1.96 -8.01
N LEU A 19 3.72 -2.04 -7.03
CA LEU A 19 3.61 -1.02 -5.99
C LEU A 19 4.05 -1.57 -4.65
N LYS A 20 4.48 -0.68 -3.75
CA LYS A 20 4.93 -1.08 -2.42
C LYS A 20 4.11 -0.36 -1.35
N CYS A 21 3.84 -1.07 -0.25
CA CYS A 21 3.08 -0.51 0.85
C CYS A 21 3.91 0.51 1.63
N LYS A 22 3.76 1.78 1.29
CA LYS A 22 4.49 2.85 1.95
C LYS A 22 3.72 3.38 3.16
N CYS A 23 4.22 3.09 4.35
CA CYS A 23 3.59 3.52 5.59
C CYS A 23 4.61 4.11 6.55
N ASN A 24 4.20 5.14 7.29
CA ASN A 24 5.08 5.78 8.26
C ASN A 24 5.35 4.85 9.45
N ALA A 25 6.26 5.29 10.32
CA ALA A 25 6.60 4.51 11.50
C ALA A 25 5.56 4.69 12.61
N SER A 26 4.86 5.81 12.57
CA SER A 26 3.83 6.10 13.56
C SER A 26 2.62 5.18 13.39
N GLY A 27 2.43 4.69 12.17
CA GLY A 27 1.31 3.81 11.89
C GLY A 27 0.25 4.46 11.03
N TYR A 28 0.64 5.48 10.29
CA TYR A 28 -0.28 6.20 9.43
C TYR A 28 0.32 6.39 8.03
N ASN A 29 -0.41 7.10 7.17
CA ASN A 29 0.05 7.35 5.81
C ASN A 29 0.44 6.05 5.12
N CYS A 30 -0.24 4.97 5.49
CA CYS A 30 0.03 3.67 4.90
C CYS A 30 -0.66 3.52 3.55
N VAL A 31 0.00 3.98 2.49
CA VAL A 31 -0.56 3.91 1.15
C VAL A 31 0.43 3.27 0.19
N CYS A 32 -0.09 2.65 -0.87
CA CYS A 32 0.75 2.00 -1.87
C CYS A 32 1.32 3.03 -2.85
N ARG A 33 2.55 2.80 -3.29
CA ARG A 33 3.20 3.70 -4.23
C ARG A 33 4.19 2.94 -5.11
N LYS A 34 4.44 3.49 -6.30
CA LYS A 34 5.37 2.86 -7.24
C LYS A 34 6.81 3.12 -6.83
N LYS A 35 7.17 2.67 -5.63
CA LYS A 35 8.53 2.85 -5.13
C LYS A 35 9.35 1.58 -5.30
#